data_3PZB
#
_entry.id   3PZB
#
_cell.length_a   60.042
_cell.length_b   100.090
_cell.length_c   64.483
_cell.angle_alpha   90.00
_cell.angle_beta   100.81
_cell.angle_gamma   90.00
#
_symmetry.space_group_name_H-M   'P 1 21 1'
#
loop_
_entity.id
_entity.type
_entity.pdbx_description
1 polymer 'Aspartate-semialdehyde dehydrogenase'
2 non-polymer 3-amino-D-alanine
3 non-polymer 'NADP NICOTINAMIDE-ADENINE-DINUCLEOTIDE PHOSPHATE'
4 non-polymer 'SODIUM ION'
5 non-polymer 1,2-ETHANEDIOL
6 water water
#
_entity_poly.entity_id   1
_entity_poly.type   'polypeptide(L)'
_entity_poly.pdbx_seq_one_letter_code
;MGYTVAVVGATGAVGAQMIKMLEESTLPIDKIRYLASARSAGKSLKFKDQDITIEETTETAFEGVDIALFSAGSSTSAKY
APYAVKAGVVVVDNTSYFRQNPDVPLVVPEVNAHALDAHNGIIACPNCSTIQMMVALEPVRQKWGLDRIIVSTYQAVSGA
GMGAILETQRELREVLNDGVKPCDLHAEILPSGGDKKHYPIAFNALPQIDVFTDNDYTYEEMKMTKETKKIMEDDSIAVS
ATCVRIPVLSAHSESVYIETKEVAPIEEVKAAIAAFPGAVLEDDVAHQIYPQAINAVGSRDTFVGRIRKDLDAEKGIHMW
VVSDNLLKGAAWNSVQIAETLHERGLVRPTAELKFELKLEHHHHHH
;
_entity_poly.pdbx_strand_id   A,B
#
# COMPACT_ATOMS: atom_id res chain seq x y z
N GLY A 2 33.12 -0.54 -31.72
CA GLY A 2 32.09 -0.62 -30.64
C GLY A 2 32.36 -1.75 -29.67
N TYR A 3 31.34 -2.12 -28.90
CA TYR A 3 31.47 -3.15 -27.88
C TYR A 3 30.78 -4.45 -28.25
N THR A 4 31.24 -5.54 -27.65
CA THR A 4 30.48 -6.77 -27.56
C THR A 4 29.73 -6.76 -26.23
N VAL A 5 28.41 -6.85 -26.29
CA VAL A 5 27.56 -6.79 -25.10
C VAL A 5 26.84 -8.13 -24.89
N ALA A 6 26.97 -8.68 -23.69
CA ALA A 6 26.28 -9.90 -23.33
C ALA A 6 25.16 -9.63 -22.33
N VAL A 7 24.00 -10.25 -22.58
CA VAL A 7 22.86 -10.17 -21.69
C VAL A 7 22.66 -11.55 -21.06
N VAL A 8 22.98 -11.66 -19.78
CA VAL A 8 22.83 -12.92 -19.04
C VAL A 8 21.49 -12.92 -18.32
N GLY A 9 20.63 -13.87 -18.71
CA GLY A 9 19.24 -13.91 -18.25
C GLY A 9 18.33 -13.17 -19.22
N ALA A 10 18.61 -13.34 -20.52
CA ALA A 10 17.91 -12.60 -21.58
C ALA A 10 16.44 -12.95 -21.71
N THR A 11 16.05 -14.13 -21.21
CA THR A 11 14.69 -14.65 -21.36
C THR A 11 13.73 -14.19 -20.27
N GLY A 12 14.27 -13.69 -19.15
CA GLY A 12 13.45 -13.29 -18.00
C GLY A 12 12.76 -11.95 -18.11
N ALA A 13 12.09 -11.55 -17.02
CA ALA A 13 11.34 -10.30 -16.97
C ALA A 13 12.23 -9.06 -17.14
N VAL A 14 13.35 -9.03 -16.41
CA VAL A 14 14.32 -7.94 -16.53
C VAL A 14 15.08 -8.05 -17.86
N GLY A 15 15.44 -9.29 -18.23
CA GLY A 15 16.19 -9.56 -19.45
C GLY A 15 15.52 -9.02 -20.70
N ALA A 16 14.21 -9.20 -20.79
CA ALA A 16 13.40 -8.67 -21.89
C ALA A 16 13.44 -7.14 -21.94
N GLN A 17 13.46 -6.51 -20.76
CA GLN A 17 13.54 -5.04 -20.69
C GLN A 17 14.95 -4.52 -20.94
N MET A 18 15.96 -5.31 -20.58
CA MET A 18 17.35 -4.98 -20.90
C MET A 18 17.59 -4.96 -22.42
N ILE A 19 16.97 -5.91 -23.11
CA ILE A 19 17.00 -5.94 -24.58
C ILE A 19 16.35 -4.68 -25.15
N LYS A 20 15.18 -4.32 -24.64
CA LYS A 20 14.48 -3.10 -25.08
C LYS A 20 15.29 -1.84 -24.80
N MET A 21 15.91 -1.77 -23.62
CA MET A 21 16.72 -0.62 -23.24
C MET A 21 18.00 -0.52 -24.09
N LEU A 22 18.60 -1.66 -24.41
CA LEU A 22 19.79 -1.69 -25.27
C LEU A 22 19.47 -1.34 -26.72
N GLU A 23 18.30 -1.76 -27.19
CA GLU A 23 17.80 -1.40 -28.52
C GLU A 23 17.64 0.10 -28.68
N GLU A 24 17.25 0.77 -27.60
CA GLU A 24 17.02 2.21 -27.61
C GLU A 24 18.22 2.99 -27.07
N SER A 25 19.29 2.28 -26.74
CA SER A 25 20.51 2.89 -26.18
C SER A 25 21.38 3.57 -27.24
N THR A 26 22.25 4.45 -26.77
CA THR A 26 23.23 5.11 -27.63
C THR A 26 24.54 4.33 -27.72
N LEU A 27 24.69 3.32 -26.86
CA LEU A 27 25.91 2.51 -26.79
C LEU A 27 26.30 1.97 -28.17
N PRO A 28 27.56 2.19 -28.57
CA PRO A 28 28.04 1.60 -29.83
C PRO A 28 28.23 0.10 -29.65
N ILE A 29 27.27 -0.68 -30.16
CA ILE A 29 27.30 -2.14 -30.04
C ILE A 29 27.63 -2.76 -31.39
N ASP A 30 28.75 -3.48 -31.44
CA ASP A 30 29.17 -4.21 -32.64
C ASP A 30 28.56 -5.61 -32.68
N LYS A 31 28.52 -6.26 -31.52
CA LYS A 31 27.96 -7.59 -31.39
C LYS A 31 27.17 -7.73 -30.09
N ILE A 32 25.98 -8.32 -30.19
CA ILE A 32 25.18 -8.64 -29.01
C ILE A 32 25.01 -10.15 -28.86
N ARG A 33 25.18 -10.62 -27.62
CA ARG A 33 24.99 -12.04 -27.30
C ARG A 33 23.95 -12.21 -26.21
N TYR A 34 23.10 -13.22 -26.35
CA TYR A 34 22.09 -13.54 -25.35
C TYR A 34 22.44 -14.82 -24.61
N LEU A 35 22.53 -14.73 -23.29
CA LEU A 35 22.88 -15.87 -22.45
C LEU A 35 21.77 -16.19 -21.47
N ALA A 36 21.55 -17.49 -21.23
CA ALA A 36 20.55 -17.99 -20.30
C ALA A 36 20.95 -19.38 -19.81
N SER A 37 19.99 -20.15 -19.32
CA SER A 37 20.26 -21.53 -18.88
C SER A 37 20.24 -22.50 -20.06
N ALA A 38 20.65 -23.74 -19.80
CA ALA A 38 20.76 -24.79 -20.83
C ALA A 38 19.46 -25.05 -21.58
N ARG A 39 18.33 -24.90 -20.91
CA ARG A 39 17.01 -25.16 -21.50
C ARG A 39 16.60 -24.10 -22.54
N SER A 40 17.21 -22.93 -22.47
CA SER A 40 16.93 -21.86 -23.43
C SER A 40 17.96 -21.81 -24.58
N ALA A 41 19.05 -22.55 -24.42
CA ALA A 41 20.11 -22.58 -25.43
C ALA A 41 19.61 -23.14 -26.75
N GLY A 42 19.90 -22.42 -27.84
CA GLY A 42 19.47 -22.83 -29.18
C GLY A 42 18.25 -22.08 -29.69
N LYS A 43 17.46 -21.55 -28.76
CA LYS A 43 16.27 -20.77 -29.10
C LYS A 43 16.67 -19.39 -29.63
N SER A 44 15.82 -18.83 -30.50
CA SER A 44 16.10 -17.54 -31.13
C SER A 44 15.35 -16.39 -30.48
N LEU A 45 16.03 -15.24 -30.38
CA LEU A 45 15.46 -14.04 -29.77
C LEU A 45 15.93 -12.82 -30.54
N LYS A 46 15.04 -11.86 -30.74
CA LYS A 46 15.29 -10.69 -31.58
C LYS A 46 16.16 -9.61 -30.93
N PHE A 47 17.00 -8.97 -31.73
CA PHE A 47 17.59 -7.68 -31.39
C PHE A 47 17.33 -6.72 -32.56
N LYS A 48 16.39 -5.81 -32.35
CA LYS A 48 15.82 -4.97 -33.42
C LYS A 48 15.19 -5.87 -34.49
N ASP A 49 15.80 -5.93 -35.67
CA ASP A 49 15.31 -6.80 -36.73
C ASP A 49 16.37 -7.86 -37.09
N GLN A 50 17.04 -8.35 -36.06
CA GLN A 50 18.12 -9.32 -36.20
C GLN A 50 17.86 -10.52 -35.28
N ASP A 51 18.19 -11.72 -35.77
CA ASP A 51 17.97 -12.95 -35.01
C ASP A 51 19.21 -13.36 -34.23
N ILE A 52 19.07 -13.44 -32.90
CA ILE A 52 20.16 -13.83 -32.02
C ILE A 52 19.86 -15.17 -31.35
N THR A 53 20.78 -16.12 -31.47
CA THR A 53 20.63 -17.43 -30.85
C THR A 53 21.06 -17.37 -29.39
N ILE A 54 20.20 -17.84 -28.50
CA ILE A 54 20.47 -17.87 -27.06
C ILE A 54 21.51 -18.93 -26.74
N GLU A 55 22.52 -18.54 -25.96
CA GLU A 55 23.62 -19.44 -25.58
C GLU A 55 23.50 -19.83 -24.12
N GLU A 56 24.12 -20.95 -23.76
CA GLU A 56 24.18 -21.39 -22.37
C GLU A 56 25.28 -20.65 -21.62
N THR A 57 24.97 -20.17 -20.43
CA THR A 57 25.94 -19.47 -19.59
C THR A 57 26.92 -20.46 -18.96
N THR A 58 28.20 -20.35 -19.33
CA THR A 58 29.27 -21.19 -18.78
C THR A 58 30.46 -20.35 -18.34
N GLU A 59 31.46 -21.00 -17.73
CA GLU A 59 32.66 -20.30 -17.24
C GLU A 59 33.53 -19.73 -18.36
N THR A 60 33.40 -20.29 -19.56
CA THR A 60 34.23 -19.91 -20.70
C THR A 60 33.44 -19.22 -21.81
N ALA A 61 32.24 -18.76 -21.49
CA ALA A 61 31.35 -18.12 -22.47
C ALA A 61 31.56 -16.61 -22.59
N PHE A 62 32.55 -16.07 -21.89
CA PHE A 62 32.72 -14.62 -21.78
C PHE A 62 33.92 -14.01 -22.51
N GLU A 63 34.65 -14.84 -23.27
CA GLU A 63 35.77 -14.35 -24.07
C GLU A 63 35.32 -13.39 -25.16
N GLY A 64 36.01 -12.25 -25.25
CA GLY A 64 35.71 -11.24 -26.26
C GLY A 64 34.62 -10.26 -25.86
N VAL A 65 33.98 -10.49 -24.71
CA VAL A 65 32.90 -9.64 -24.23
C VAL A 65 33.46 -8.41 -23.52
N ASP A 66 32.91 -7.24 -23.85
CA ASP A 66 33.30 -5.98 -23.21
C ASP A 66 32.41 -5.65 -22.00
N ILE A 67 31.09 -5.79 -22.19
CA ILE A 67 30.12 -5.51 -21.14
C ILE A 67 29.15 -6.68 -20.99
N ALA A 68 28.94 -7.13 -19.75
CA ALA A 68 27.96 -8.17 -19.45
C ALA A 68 26.92 -7.67 -18.47
N LEU A 69 25.65 -7.73 -18.88
CA LEU A 69 24.54 -7.33 -18.02
C LEU A 69 23.89 -8.57 -17.42
N PHE A 70 24.11 -8.76 -16.12
CA PHE A 70 23.62 -9.93 -15.41
C PHE A 70 22.25 -9.67 -14.81
N SER A 71 21.31 -10.55 -15.12
CA SER A 71 19.99 -10.54 -14.49
C SER A 71 19.38 -11.93 -14.51
N ALA A 72 20.06 -12.86 -13.84
CA ALA A 72 19.68 -14.27 -13.86
C ALA A 72 19.66 -14.91 -12.46
N GLY A 73 19.47 -14.09 -11.43
CA GLY A 73 19.44 -14.58 -10.05
C GLY A 73 20.82 -14.58 -9.40
N SER A 74 20.84 -14.36 -8.08
CA SER A 74 22.09 -14.27 -7.31
C SER A 74 23.04 -15.44 -7.54
N SER A 75 22.48 -16.63 -7.70
CA SER A 75 23.24 -17.86 -7.91
C SER A 75 24.08 -17.82 -9.19
N THR A 76 23.51 -17.26 -10.26
CA THR A 76 24.17 -17.16 -11.56
C THR A 76 25.31 -16.13 -11.54
N SER A 77 25.05 -14.99 -10.88
CA SER A 77 26.06 -13.94 -10.74
C SER A 77 27.23 -14.39 -9.85
N ALA A 78 26.92 -15.11 -8.78
CA ALA A 78 27.94 -15.64 -7.86
C ALA A 78 28.90 -16.61 -8.56
N LYS A 79 28.36 -17.40 -9.47
CA LYS A 79 29.14 -18.44 -10.16
C LYS A 79 29.91 -17.93 -11.38
N TYR A 80 29.26 -17.09 -12.20
CA TYR A 80 29.80 -16.75 -13.51
C TYR A 80 30.41 -15.35 -13.67
N ALA A 81 29.99 -14.40 -12.84
CA ALA A 81 30.50 -13.02 -12.91
C ALA A 81 32.00 -12.90 -12.62
N PRO A 82 32.54 -13.67 -11.65
CA PRO A 82 33.99 -13.66 -11.44
C PRO A 82 34.79 -14.16 -12.65
N TYR A 83 34.22 -15.12 -13.40
CA TYR A 83 34.86 -15.62 -14.63
C TYR A 83 34.79 -14.59 -15.75
N ALA A 84 33.71 -13.82 -15.78
CA ALA A 84 33.56 -12.72 -16.72
C ALA A 84 34.64 -11.66 -16.49
N VAL A 85 34.82 -11.27 -15.23
CA VAL A 85 35.86 -10.30 -14.84
C VAL A 85 37.26 -10.79 -15.23
N LYS A 86 37.50 -12.08 -15.03
CA LYS A 86 38.77 -12.72 -15.42
C LYS A 86 38.97 -12.66 -16.93
N ALA A 87 37.89 -12.72 -17.69
CA ALA A 87 37.94 -12.65 -19.16
C ALA A 87 38.11 -11.22 -19.68
N GLY A 88 38.04 -10.24 -18.78
CA GLY A 88 38.24 -8.83 -19.15
C GLY A 88 36.96 -8.03 -19.28
N VAL A 89 35.84 -8.63 -18.89
CA VAL A 89 34.52 -8.00 -19.00
C VAL A 89 34.28 -7.01 -17.86
N VAL A 90 33.50 -5.98 -18.14
CA VAL A 90 32.92 -5.14 -17.08
C VAL A 90 31.49 -5.61 -16.85
N VAL A 91 31.21 -6.05 -15.63
CA VAL A 91 29.91 -6.62 -15.27
C VAL A 91 29.03 -5.58 -14.59
N VAL A 92 27.79 -5.47 -15.07
CA VAL A 92 26.75 -4.72 -14.38
C VAL A 92 25.72 -5.74 -13.88
N ASP A 93 25.63 -5.89 -12.57
CA ASP A 93 24.80 -6.92 -11.95
C ASP A 93 23.53 -6.36 -11.31
N ASN A 94 22.39 -6.94 -11.66
CA ASN A 94 21.09 -6.56 -11.10
C ASN A 94 20.77 -7.27 -9.78
N THR A 95 21.46 -8.36 -9.50
CA THR A 95 21.19 -9.19 -8.31
C THR A 95 21.72 -8.57 -7.02
N SER A 96 21.33 -9.16 -5.89
CA SER A 96 21.73 -8.68 -4.57
C SER A 96 23.12 -9.13 -4.13
N TYR A 97 23.70 -10.08 -4.87
CA TYR A 97 24.89 -10.80 -4.40
C TYR A 97 26.13 -9.94 -4.10
N PHE A 98 26.47 -9.02 -5.00
CA PHE A 98 27.67 -8.20 -4.86
C PHE A 98 27.42 -6.82 -4.27
N ARG A 99 26.16 -6.51 -3.98
CA ARG A 99 25.74 -5.15 -3.59
C ARG A 99 26.47 -4.60 -2.36
N GLN A 100 26.73 -5.45 -1.37
CA GLN A 100 27.32 -5.01 -0.11
C GLN A 100 28.82 -5.32 -0.02
N ASN A 101 29.40 -5.76 -1.13
CA ASN A 101 30.84 -5.96 -1.25
C ASN A 101 31.55 -4.60 -1.36
N PRO A 102 32.49 -4.31 -0.46
CA PRO A 102 33.24 -3.04 -0.44
C PRO A 102 34.04 -2.75 -1.72
N ASP A 103 34.38 -3.81 -2.46
CA ASP A 103 35.10 -3.67 -3.74
C ASP A 103 34.14 -3.41 -4.92
N VAL A 104 32.84 -3.36 -4.63
CA VAL A 104 31.82 -3.19 -5.66
C VAL A 104 31.01 -1.90 -5.45
N PRO A 105 31.05 -1.00 -6.43
CA PRO A 105 30.23 0.21 -6.38
C PRO A 105 28.75 -0.11 -6.54
N LEU A 106 27.92 0.46 -5.67
CA LEU A 106 26.46 0.31 -5.76
C LEU A 106 25.88 1.61 -6.27
N VAL A 107 25.48 1.62 -7.54
CA VAL A 107 25.31 2.87 -8.28
C VAL A 107 23.91 3.17 -8.80
N VAL A 108 23.46 4.38 -8.50
CA VAL A 108 22.38 5.05 -9.21
C VAL A 108 23.06 6.26 -9.86
N PRO A 109 23.20 6.25 -11.20
CA PRO A 109 23.98 7.25 -11.94
C PRO A 109 23.71 8.72 -11.58
N GLU A 110 22.47 9.07 -11.27
CA GLU A 110 22.12 10.45 -10.90
C GLU A 110 22.61 10.82 -9.51
N VAL A 111 22.88 9.82 -8.67
CA VAL A 111 23.23 10.03 -7.27
C VAL A 111 24.74 9.88 -7.00
N ASN A 112 25.32 8.77 -7.43
CA ASN A 112 26.73 8.48 -7.13
C ASN A 112 27.55 7.91 -8.28
N ALA A 113 27.43 8.52 -9.47
CA ALA A 113 28.19 8.11 -10.65
C ALA A 113 29.70 8.13 -10.39
N HIS A 114 30.13 9.01 -9.48
CA HIS A 114 31.54 9.12 -9.08
C HIS A 114 32.12 7.81 -8.53
N ALA A 115 31.26 6.96 -7.97
CA ALA A 115 31.67 5.66 -7.44
C ALA A 115 32.13 4.68 -8.51
N LEU A 116 31.71 4.93 -9.75
CA LEU A 116 32.10 4.08 -10.89
C LEU A 116 33.59 4.14 -11.21
N ASP A 117 34.23 5.27 -10.94
CA ASP A 117 35.63 5.52 -11.31
C ASP A 117 36.60 4.47 -10.76
N ALA A 118 36.36 4.02 -9.55
CA ALA A 118 37.25 3.07 -8.89
C ALA A 118 36.73 1.62 -8.90
N HIS A 119 35.98 1.25 -9.94
CA HIS A 119 35.42 -0.11 -10.02
C HIS A 119 36.48 -1.17 -10.30
N ASN A 120 36.17 -2.41 -9.88
CA ASN A 120 37.08 -3.54 -10.03
C ASN A 120 36.51 -4.63 -10.95
N GLY A 121 35.66 -4.23 -11.90
CA GLY A 121 35.09 -5.17 -12.87
C GLY A 121 33.62 -5.49 -12.66
N ILE A 122 33.11 -5.23 -11.45
CA ILE A 122 31.69 -5.44 -11.15
C ILE A 122 31.06 -4.16 -10.61
N ILE A 123 29.98 -3.73 -11.27
CA ILE A 123 29.13 -2.65 -10.78
C ILE A 123 27.79 -3.26 -10.39
N ALA A 124 27.34 -2.97 -9.17
CA ALA A 124 26.07 -3.49 -8.68
C ALA A 124 24.95 -2.49 -8.81
N CYS A 125 23.83 -2.95 -9.36
CA CYS A 125 22.59 -2.21 -9.38
CA CYS A 125 22.57 -2.20 -9.37
C CYS A 125 21.85 -2.44 -8.06
N PRO A 126 21.32 -1.36 -7.45
CA PRO A 126 20.59 -1.55 -6.20
C PRO A 126 19.22 -2.21 -6.42
N ASN A 127 18.54 -2.56 -5.34
CA ASN A 127 17.18 -3.09 -5.41
C ASN A 127 16.22 -2.08 -6.04
N CYS A 128 15.27 -2.59 -6.82
CA CYS A 128 14.30 -1.73 -7.54
C CYS A 128 13.58 -0.73 -6.64
N SER A 129 13.15 -1.18 -5.47
CA SER A 129 12.48 -0.32 -4.50
C SER A 129 13.41 0.76 -3.94
N THR A 130 14.69 0.43 -3.78
CA THR A 130 15.68 1.39 -3.31
C THR A 130 15.96 2.48 -4.35
N ILE A 131 16.15 2.08 -5.60
CA ILE A 131 16.56 3.00 -6.67
C ILE A 131 15.65 4.22 -6.77
N GLN A 132 14.35 3.99 -6.90
CA GLN A 132 13.39 5.09 -7.09
C GLN A 132 13.34 6.02 -5.88
N MET A 133 13.53 5.47 -4.69
CA MET A 133 13.60 6.27 -3.47
C MET A 133 14.83 7.19 -3.49
N MET A 134 15.96 6.69 -3.96
CA MET A 134 17.20 7.47 -4.04
C MET A 134 17.08 8.64 -5.01
N VAL A 135 16.42 8.41 -6.14
CA VAL A 135 16.22 9.44 -7.15
C VAL A 135 15.36 10.59 -6.60
N ALA A 136 14.31 10.23 -5.87
CA ALA A 136 13.42 11.20 -5.25
C ALA A 136 14.09 12.00 -4.14
N LEU A 137 14.91 11.32 -3.33
CA LEU A 137 15.41 11.91 -2.08
C LEU A 137 16.75 12.65 -2.17
N GLU A 138 17.58 12.26 -3.13
CA GLU A 138 18.90 12.88 -3.30
C GLU A 138 18.87 14.42 -3.46
N PRO A 139 17.95 14.95 -4.30
CA PRO A 139 17.86 16.41 -4.40
C PRO A 139 17.49 17.10 -3.08
N VAL A 140 16.72 16.41 -2.25
CA VAL A 140 16.35 16.92 -0.93
C VAL A 140 17.55 16.88 0.03
N ARG A 141 18.26 15.76 0.04
CA ARG A 141 19.45 15.58 0.88
C ARG A 141 20.54 16.62 0.58
N GLN A 142 20.71 16.92 -0.71
CA GLN A 142 21.73 17.88 -1.14
C GLN A 142 21.54 19.26 -0.54
N LYS A 143 20.29 19.69 -0.39
CA LYS A 143 19.99 21.04 0.07
C LYS A 143 19.69 21.16 1.57
N TRP A 144 19.03 20.16 2.14
CA TRP A 144 18.59 20.23 3.54
C TRP A 144 18.98 19.03 4.39
N GLY A 145 19.64 18.05 3.78
CA GLY A 145 20.11 16.86 4.50
C GLY A 145 19.01 15.86 4.81
N LEU A 146 19.41 14.68 5.28
CA LEU A 146 18.47 13.63 5.66
C LEU A 146 18.83 13.02 7.00
N ASP A 147 17.88 13.10 7.94
CA ASP A 147 18.05 12.54 9.26
C ASP A 147 17.52 11.10 9.33
N ARG A 148 16.26 10.92 8.90
CA ARG A 148 15.63 9.60 8.89
C ARG A 148 14.68 9.40 7.71
N ILE A 149 14.46 8.14 7.37
CA ILE A 149 13.48 7.75 6.36
C ILE A 149 12.61 6.60 6.91
N ILE A 150 11.29 6.75 6.74
CA ILE A 150 10.34 5.67 6.98
C ILE A 150 9.58 5.46 5.68
N VAL A 151 9.60 4.23 5.17
CA VAL A 151 8.98 3.94 3.89
C VAL A 151 8.08 2.71 3.96
N SER A 152 6.88 2.84 3.39
CA SER A 152 5.97 1.72 3.18
C SER A 152 5.78 1.56 1.68
N THR A 153 6.08 0.37 1.17
CA THR A 153 6.07 0.16 -0.28
C THR A 153 4.80 -0.54 -0.75
N TYR A 154 4.50 -0.32 -2.03
CA TYR A 154 3.35 -0.88 -2.71
C TYR A 154 3.93 -1.49 -3.98
N GLN A 155 4.43 -2.72 -3.88
CA GLN A 155 5.27 -3.29 -4.92
C GLN A 155 4.55 -4.21 -5.89
N ALA A 156 4.91 -4.06 -7.16
CA ALA A 156 4.35 -4.84 -8.27
C ALA A 156 4.89 -6.26 -8.31
N VAL A 157 4.08 -7.19 -8.82
CA VAL A 157 4.43 -8.61 -8.85
C VAL A 157 5.56 -8.96 -9.83
N SER A 158 5.75 -8.13 -10.87
CA SER A 158 6.84 -8.34 -11.84
C SER A 158 8.21 -8.28 -11.18
N GLY A 159 8.26 -7.67 -9.99
CA GLY A 159 9.47 -7.66 -9.15
C GLY A 159 9.93 -9.06 -8.77
N ALA A 160 8.98 -9.99 -8.70
CA ALA A 160 9.30 -11.38 -8.37
C ALA A 160 9.51 -12.27 -9.60
N GLY A 161 9.52 -11.65 -10.78
CA GLY A 161 9.83 -12.36 -12.01
C GLY A 161 8.64 -12.72 -12.88
N MET A 162 8.93 -13.32 -14.03
CA MET A 162 7.94 -13.67 -15.03
C MET A 162 6.86 -14.63 -14.51
N GLY A 163 7.29 -15.62 -13.73
CA GLY A 163 6.37 -16.60 -13.14
C GLY A 163 5.32 -15.97 -12.24
N ALA A 164 5.75 -14.99 -11.44
CA ALA A 164 4.87 -14.27 -10.52
C ALA A 164 3.78 -13.48 -11.24
N ILE A 165 4.11 -12.92 -12.40
CA ILE A 165 3.13 -12.21 -13.25
C ILE A 165 2.03 -13.19 -13.69
N LEU A 166 2.45 -14.36 -14.17
CA LEU A 166 1.51 -15.38 -14.66
C LEU A 166 0.66 -15.97 -13.54
N GLU A 167 1.25 -16.11 -12.35
CA GLU A 167 0.49 -16.57 -11.17
C GLU A 167 -0.59 -15.57 -10.80
N THR A 168 -0.22 -14.29 -10.75
CA THR A 168 -1.15 -13.19 -10.43
C THR A 168 -2.30 -13.14 -11.43
N GLN A 169 -1.99 -13.25 -12.72
CA GLN A 169 -2.99 -13.23 -13.78
C GLN A 169 -3.94 -14.43 -13.71
N ARG A 170 -3.41 -15.62 -13.47
CA ARG A 170 -4.25 -16.81 -13.31
C ARG A 170 -5.21 -16.66 -12.13
N GLU A 171 -4.67 -16.31 -10.97
CA GLU A 171 -5.45 -16.16 -9.74
C GLU A 171 -6.61 -15.20 -9.91
N LEU A 172 -6.34 -14.05 -10.51
CA LEU A 172 -7.36 -13.02 -10.73
C LEU A 172 -8.46 -13.50 -11.67
N ARG A 173 -8.09 -14.26 -12.70
CA ARG A 173 -9.06 -14.85 -13.62
C ARG A 173 -9.91 -15.93 -12.96
N GLU A 174 -9.30 -16.70 -12.05
CA GLU A 174 -10.04 -17.72 -11.30
C GLU A 174 -11.09 -17.13 -10.35
N VAL A 175 -10.78 -15.95 -9.79
CA VAL A 175 -11.74 -15.26 -8.92
C VAL A 175 -12.85 -14.60 -9.73
N LEU A 176 -12.47 -13.87 -10.78
CA LEU A 176 -13.44 -13.10 -11.59
C LEU A 176 -14.26 -13.95 -12.56
N ASN A 177 -13.66 -15.03 -13.07
CA ASN A 177 -14.34 -15.88 -14.07
C ASN A 177 -14.92 -17.16 -13.50
N ASP A 178 -14.23 -17.77 -12.54
CA ASP A 178 -14.66 -19.04 -11.95
C ASP A 178 -15.36 -18.90 -10.60
N GLY A 179 -15.32 -17.70 -10.02
CA GLY A 179 -16.00 -17.41 -8.77
C GLY A 179 -15.32 -17.97 -7.53
N VAL A 180 -14.05 -18.35 -7.66
CA VAL A 180 -13.25 -18.85 -6.55
C VAL A 180 -12.99 -17.73 -5.54
N LYS A 181 -13.19 -18.02 -4.25
CA LYS A 181 -12.87 -17.08 -3.19
C LYS A 181 -11.34 -16.92 -3.10
N PRO A 182 -10.85 -15.67 -3.03
CA PRO A 182 -9.41 -15.42 -3.01
C PRO A 182 -8.65 -16.24 -1.96
N CYS A 183 -9.23 -16.38 -0.76
CA CYS A 183 -8.62 -17.16 0.31
C CYS A 183 -8.52 -18.66 0.00
N ASP A 184 -9.26 -19.12 -1.02
CA ASP A 184 -9.25 -20.54 -1.41
C ASP A 184 -8.30 -20.85 -2.57
N LEU A 185 -7.69 -19.82 -3.15
CA LEU A 185 -6.77 -19.97 -4.28
C LEU A 185 -5.51 -20.75 -3.94
N HIS A 186 -4.97 -21.46 -4.94
CA HIS A 186 -3.69 -22.15 -4.80
C HIS A 186 -2.56 -21.28 -5.36
N ALA A 187 -1.50 -21.11 -4.56
CA ALA A 187 -0.34 -20.33 -4.98
C ALA A 187 0.95 -21.15 -4.87
N GLU A 188 1.92 -20.84 -5.72
CA GLU A 188 3.18 -21.59 -5.76
C GLU A 188 4.44 -20.71 -5.74
N ILE A 189 4.28 -19.41 -5.97
CA ILE A 189 5.43 -18.50 -6.02
C ILE A 189 5.41 -17.46 -4.90
N LEU A 190 4.41 -16.57 -4.93
CA LEU A 190 4.32 -15.46 -3.99
C LEU A 190 3.97 -15.93 -2.57
N PRO A 191 4.43 -15.20 -1.54
CA PRO A 191 5.23 -13.96 -1.59
C PRO A 191 6.69 -14.14 -2.03
N SER A 192 7.27 -15.29 -1.72
CA SER A 192 8.67 -15.57 -2.05
C SER A 192 8.86 -17.00 -2.53
N GLY A 193 9.32 -17.14 -3.78
CA GLY A 193 9.51 -18.44 -4.42
C GLY A 193 10.33 -19.42 -3.60
N GLY A 194 11.41 -18.91 -2.99
CA GLY A 194 12.32 -19.73 -2.20
C GLY A 194 11.81 -20.13 -0.83
N ASP A 195 10.80 -19.42 -0.31
CA ASP A 195 10.31 -19.66 1.05
C ASP A 195 9.38 -20.88 1.14
N LYS A 196 9.07 -21.29 2.36
CA LYS A 196 8.35 -22.55 2.64
C LYS A 196 6.87 -22.55 2.22
N LYS A 197 6.18 -21.44 2.49
CA LYS A 197 4.75 -21.34 2.22
C LYS A 197 4.41 -20.28 1.17
N HIS A 198 3.30 -20.49 0.46
CA HIS A 198 2.88 -19.59 -0.60
C HIS A 198 1.43 -19.13 -0.42
N TYR A 199 1.18 -17.86 -0.73
CA TYR A 199 -0.14 -17.26 -0.52
C TYR A 199 -0.63 -16.54 -1.78
N PRO A 200 -1.97 -16.48 -1.97
CA PRO A 200 -2.53 -15.74 -3.09
C PRO A 200 -2.25 -14.25 -3.00
N ILE A 201 -2.10 -13.61 -4.16
CA ILE A 201 -1.90 -12.17 -4.24
C ILE A 201 -3.17 -11.46 -4.75
N ALA A 202 -4.02 -12.23 -5.44
CA ALA A 202 -5.27 -11.69 -5.99
C ALA A 202 -6.11 -11.08 -4.88
N PHE A 203 -6.46 -9.81 -5.05
CA PHE A 203 -7.26 -9.04 -4.07
C PHE A 203 -6.66 -9.07 -2.65
N ASN A 204 -5.34 -9.07 -2.59
CA ASN A 204 -4.62 -9.19 -1.33
C ASN A 204 -3.49 -8.16 -1.22
N ALA A 205 -3.00 -7.95 -0.01
CA ALA A 205 -1.78 -7.20 0.22
C ALA A 205 -0.88 -8.04 1.11
N LEU A 206 0.22 -8.51 0.54
CA LEU A 206 1.13 -9.41 1.24
C LEU A 206 2.33 -8.66 1.82
N PRO A 207 2.41 -8.57 3.16
CA PRO A 207 3.50 -7.85 3.81
C PRO A 207 4.77 -8.70 3.95
N GLN A 208 5.13 -9.38 2.85
CA GLN A 208 6.39 -10.10 2.78
C GLN A 208 6.95 -10.04 1.36
N ILE A 209 8.18 -9.56 1.25
CA ILE A 209 8.95 -9.60 0.01
C ILE A 209 10.34 -10.12 0.38
N ASP A 210 10.82 -11.12 -0.35
CA ASP A 210 12.02 -11.88 0.00
C ASP A 210 11.74 -12.68 1.28
N VAL A 211 12.78 -13.23 1.91
CA VAL A 211 12.61 -14.00 3.14
C VAL A 211 12.91 -13.15 4.37
N PHE A 212 12.51 -13.64 5.55
CA PHE A 212 12.74 -12.92 6.80
C PHE A 212 14.17 -13.04 7.30
N THR A 213 14.67 -11.97 7.90
CA THR A 213 15.99 -11.97 8.56
C THR A 213 15.80 -12.18 10.07
N ASP A 214 16.92 -12.22 10.80
CA ASP A 214 16.92 -12.46 12.25
C ASP A 214 16.24 -11.38 13.10
N ASN A 215 16.09 -10.17 12.56
CA ASN A 215 15.47 -9.07 13.30
C ASN A 215 13.98 -8.85 12.99
N ASP A 216 13.38 -9.84 12.30
CA ASP A 216 11.95 -9.83 11.95
C ASP A 216 11.55 -8.87 10.82
N TYR A 217 12.55 -8.19 10.24
CA TYR A 217 12.38 -7.49 8.97
C TYR A 217 12.74 -8.49 7.88
N THR A 218 12.12 -8.35 6.70
CA THR A 218 12.50 -9.16 5.55
C THR A 218 13.80 -8.64 4.94
N TYR A 219 14.43 -9.45 4.09
CA TYR A 219 15.64 -9.01 3.38
C TYR A 219 15.37 -7.80 2.50
N GLU A 220 14.16 -7.71 1.96
CA GLU A 220 13.75 -6.57 1.12
C GLU A 220 13.80 -5.25 1.88
N GLU A 221 13.27 -5.26 3.10
CA GLU A 221 13.25 -4.09 3.95
C GLU A 221 14.66 -3.72 4.39
N MET A 222 15.44 -4.74 4.73
CA MET A 222 16.84 -4.54 5.15
C MET A 222 17.75 -4.09 4.00
N LYS A 223 17.45 -4.54 2.79
CA LYS A 223 18.16 -4.08 1.59
C LYS A 223 17.95 -2.58 1.40
N MET A 224 16.71 -2.12 1.56
CA MET A 224 16.40 -0.68 1.48
C MET A 224 17.19 0.13 2.51
N THR A 225 17.32 -0.42 3.71
CA THR A 225 18.08 0.23 4.78
C THR A 225 19.57 0.32 4.42
N LYS A 226 20.19 -0.82 4.15
CA LYS A 226 21.65 -0.90 3.95
C LYS A 226 22.12 -0.33 2.61
N GLU A 227 21.32 -0.48 1.56
CA GLU A 227 21.65 0.08 0.25
C GLU A 227 21.61 1.60 0.24
N THR A 228 20.60 2.18 0.88
CA THR A 228 20.49 3.63 1.04
C THR A 228 21.75 4.21 1.69
N LYS A 229 22.20 3.56 2.76
CA LYS A 229 23.41 3.98 3.48
C LYS A 229 24.64 3.95 2.59
N LYS A 230 24.75 2.92 1.75
CA LYS A 230 25.90 2.79 0.85
C LYS A 230 25.85 3.79 -0.31
N ILE A 231 24.69 3.87 -0.97
CA ILE A 231 24.50 4.78 -2.12
C ILE A 231 24.74 6.23 -1.74
N MET A 232 24.13 6.67 -0.64
CA MET A 232 24.27 8.06 -0.18
C MET A 232 25.52 8.28 0.68
N GLU A 233 26.30 7.23 0.89
CA GLU A 233 27.56 7.28 1.64
C GLU A 233 27.40 7.98 3.00
N ASP A 234 26.40 7.55 3.75
CA ASP A 234 26.07 8.13 5.04
C ASP A 234 25.36 7.10 5.92
N ASP A 235 26.13 6.48 6.82
CA ASP A 235 25.63 5.46 7.73
C ASP A 235 24.73 6.00 8.84
N SER A 236 24.75 7.32 9.03
CA SER A 236 23.96 7.96 10.09
C SER A 236 22.49 8.16 9.71
N ILE A 237 22.15 7.97 8.42
CA ILE A 237 20.76 8.06 7.98
C ILE A 237 19.95 6.86 8.50
N ALA A 238 19.00 7.15 9.38
CA ALA A 238 18.09 6.14 9.91
C ALA A 238 17.07 5.74 8.83
N VAL A 239 17.01 4.44 8.53
CA VAL A 239 16.05 3.94 7.53
C VAL A 239 15.35 2.69 8.04
N SER A 240 14.02 2.75 8.07
CA SER A 240 13.18 1.59 8.38
C SER A 240 12.08 1.46 7.33
N ALA A 241 11.83 0.23 6.91
CA ALA A 241 10.92 -0.04 5.80
C ALA A 241 9.91 -1.14 6.11
N THR A 242 8.74 -1.05 5.47
CA THR A 242 7.78 -2.13 5.40
C THR A 242 7.50 -2.36 3.92
N CYS A 243 7.83 -3.55 3.43
CA CYS A 243 7.69 -3.84 2.02
C CYS A 243 6.52 -4.79 1.76
N VAL A 244 5.59 -4.32 0.93
CA VAL A 244 4.32 -5.03 0.70
C VAL A 244 4.09 -5.27 -0.79
N ARG A 245 3.71 -6.50 -1.11
CA ARG A 245 3.28 -6.83 -2.48
C ARG A 245 1.79 -6.58 -2.65
N ILE A 246 1.42 -5.88 -3.72
CA ILE A 246 0.01 -5.62 -4.05
C ILE A 246 -0.32 -6.13 -5.47
N PRO A 247 -1.62 -6.28 -5.80
CA PRO A 247 -2.01 -6.79 -7.11
C PRO A 247 -1.80 -5.77 -8.25
N VAL A 248 -0.55 -5.42 -8.48
CA VAL A 248 -0.14 -4.56 -9.59
C VAL A 248 0.92 -5.35 -10.37
N LEU A 249 0.83 -5.34 -11.71
CA LEU A 249 1.79 -6.09 -12.52
C LEU A 249 3.12 -5.36 -12.66
N SER A 250 3.06 -4.07 -13.00
CA SER A 250 4.26 -3.27 -13.24
C SER A 250 4.22 -1.93 -12.51
N ALA A 251 5.39 -1.50 -12.03
CA ALA A 251 5.61 -0.23 -11.32
C ALA A 251 5.40 -0.31 -9.81
N HIS A 252 6.44 0.05 -9.07
CA HIS A 252 6.36 0.14 -7.61
C HIS A 252 5.89 1.51 -7.18
N SER A 253 5.15 1.55 -6.08
CA SER A 253 4.75 2.81 -5.47
C SER A 253 5.25 2.84 -4.03
N GLU A 254 5.62 4.02 -3.55
CA GLU A 254 6.17 4.15 -2.20
C GLU A 254 5.62 5.36 -1.46
N SER A 255 5.11 5.11 -0.26
CA SER A 255 4.77 6.18 0.67
C SER A 255 6.01 6.44 1.51
N VAL A 256 6.60 7.61 1.31
CA VAL A 256 7.90 7.94 1.90
C VAL A 256 7.77 9.09 2.90
N TYR A 257 8.24 8.84 4.12
CA TYR A 257 8.34 9.88 5.12
C TYR A 257 9.81 10.16 5.40
N ILE A 258 10.17 11.44 5.42
CA ILE A 258 11.52 11.84 5.77
C ILE A 258 11.53 12.93 6.84
N GLU A 259 12.63 12.99 7.58
CA GLU A 259 12.94 14.15 8.37
C GLU A 259 14.30 14.68 7.90
N THR A 260 14.32 15.96 7.55
CA THR A 260 15.52 16.62 7.06
C THR A 260 16.34 17.16 8.23
N LYS A 261 17.59 17.54 7.96
CA LYS A 261 18.44 18.16 8.99
C LYS A 261 18.04 19.61 9.22
N GLU A 262 17.71 20.31 8.14
CA GLU A 262 17.23 21.68 8.19
C GLU A 262 15.82 21.74 7.63
N VAL A 263 15.00 22.64 8.16
CA VAL A 263 13.63 22.83 7.66
C VAL A 263 13.66 23.13 6.16
N ALA A 264 12.94 22.30 5.41
CA ALA A 264 12.89 22.41 3.95
C ALA A 264 11.51 22.90 3.48
N PRO A 265 11.41 24.17 3.06
CA PRO A 265 10.16 24.71 2.55
C PRO A 265 9.62 23.85 1.41
N ILE A 266 8.34 23.51 1.47
CA ILE A 266 7.73 22.56 0.54
C ILE A 266 7.84 22.98 -0.93
N GLU A 267 7.60 24.26 -1.22
CA GLU A 267 7.70 24.75 -2.59
C GLU A 267 9.12 24.66 -3.13
N GLU A 268 10.11 24.80 -2.24
CA GLU A 268 11.51 24.62 -2.60
C GLU A 268 11.86 23.14 -2.78
N VAL A 269 11.23 22.27 -1.98
CA VAL A 269 11.39 20.83 -2.12
C VAL A 269 10.86 20.38 -3.50
N LYS A 270 9.64 20.81 -3.82
CA LYS A 270 9.02 20.51 -5.12
C LYS A 270 9.92 20.95 -6.28
N ALA A 271 10.45 22.17 -6.20
CA ALA A 271 11.32 22.73 -7.24
C ALA A 271 12.64 21.95 -7.37
N ALA A 272 13.20 21.54 -6.23
CA ALA A 272 14.46 20.78 -6.21
C ALA A 272 14.32 19.39 -6.85
N ILE A 273 13.21 18.72 -6.56
CA ILE A 273 12.92 17.41 -7.14
C ILE A 273 12.69 17.52 -8.64
N ALA A 274 11.89 18.51 -9.04
CA ALA A 274 11.63 18.80 -10.45
C ALA A 274 12.92 19.05 -11.24
N ALA A 275 13.88 19.74 -10.62
CA ALA A 275 15.15 20.07 -11.28
C ALA A 275 16.16 18.93 -11.32
N PHE A 276 15.88 17.85 -10.59
CA PHE A 276 16.81 16.72 -10.48
C PHE A 276 16.66 15.74 -11.64
N PRO A 277 17.78 15.38 -12.31
CA PRO A 277 17.72 14.44 -13.44
C PRO A 277 17.17 13.07 -13.04
N GLY A 278 16.22 12.57 -13.83
CA GLY A 278 15.60 11.27 -13.57
C GLY A 278 14.30 11.36 -12.76
N ALA A 279 14.08 12.51 -12.14
CA ALA A 279 12.89 12.72 -11.31
C ALA A 279 11.92 13.70 -11.96
N VAL A 280 10.64 13.33 -12.02
CA VAL A 280 9.61 14.21 -12.56
C VAL A 280 8.60 14.56 -11.48
N LEU A 281 8.38 15.85 -11.29
CA LEU A 281 7.37 16.32 -10.35
C LEU A 281 5.98 16.19 -10.97
N GLU A 282 5.17 15.30 -10.39
CA GLU A 282 3.76 15.21 -10.74
C GLU A 282 2.97 15.51 -9.48
N ASP A 283 2.76 16.81 -9.23
CA ASP A 283 2.17 17.26 -7.99
C ASP A 283 1.33 18.51 -8.19
N ASP A 284 0.04 18.30 -8.45
CA ASP A 284 -0.92 19.38 -8.58
C ASP A 284 -2.27 18.86 -8.06
N VAL A 285 -2.44 18.93 -6.75
CA VAL A 285 -3.61 18.34 -6.08
C VAL A 285 -4.93 19.01 -6.45
N ALA A 286 -4.86 20.28 -6.83
CA ALA A 286 -6.03 21.04 -7.31
C ALA A 286 -6.65 20.40 -8.55
N HIS A 287 -5.82 19.72 -9.35
CA HIS A 287 -6.31 18.97 -10.50
C HIS A 287 -6.10 17.45 -10.35
N GLN A 288 -6.01 16.99 -9.10
CA GLN A 288 -5.78 15.57 -8.78
C GLN A 288 -4.60 14.97 -9.52
N ILE A 289 -3.49 15.71 -9.58
CA ILE A 289 -2.27 15.22 -10.23
C ILE A 289 -1.32 14.64 -9.19
N TYR A 290 -0.99 13.36 -9.37
CA TYR A 290 -0.05 12.63 -8.53
C TYR A 290 0.47 11.42 -9.31
N PRO A 291 1.65 10.89 -8.92
CA PRO A 291 2.16 9.70 -9.60
C PRO A 291 1.21 8.51 -9.48
N GLN A 292 1.10 7.74 -10.55
CA GLN A 292 0.28 6.54 -10.57
C GLN A 292 1.04 5.42 -11.24
N ALA A 293 0.97 4.22 -10.67
CA ALA A 293 1.62 3.04 -11.23
C ALA A 293 1.37 2.87 -12.73
N ILE A 294 0.10 2.98 -13.13
CA ILE A 294 -0.28 2.75 -14.53
C ILE A 294 0.32 3.76 -15.51
N ASN A 295 0.52 5.00 -15.07
CA ASN A 295 1.12 6.03 -15.89
C ASN A 295 2.65 5.93 -15.97
N ALA A 296 3.25 5.35 -14.94
CA ALA A 296 4.70 5.21 -14.85
C ALA A 296 5.24 4.07 -15.72
N VAL A 297 4.40 3.08 -16.00
CA VAL A 297 4.77 1.93 -16.84
C VAL A 297 5.28 2.37 -18.20
N GLY A 298 6.49 1.92 -18.56
CA GLY A 298 7.08 2.25 -19.85
C GLY A 298 7.99 3.46 -19.84
N SER A 299 8.01 4.19 -18.72
CA SER A 299 8.86 5.38 -18.60
C SER A 299 10.12 5.13 -17.77
N ARG A 300 11.23 5.75 -18.19
CA ARG A 300 12.50 5.68 -17.46
C ARG A 300 12.51 6.59 -16.23
N ASP A 301 11.58 7.53 -16.17
CA ASP A 301 11.55 8.54 -15.12
C ASP A 301 10.95 8.03 -13.80
N THR A 302 11.31 8.72 -12.72
CA THR A 302 10.73 8.48 -11.40
C THR A 302 9.80 9.64 -11.08
N PHE A 303 8.57 9.32 -10.72
CA PHE A 303 7.54 10.33 -10.54
C PHE A 303 7.26 10.56 -9.06
N VAL A 304 7.31 11.83 -8.65
CA VAL A 304 7.16 12.22 -7.25
C VAL A 304 6.02 13.20 -7.08
N GLY A 305 5.18 12.93 -6.08
CA GLY A 305 4.03 13.78 -5.79
C GLY A 305 3.58 13.69 -4.35
N ARG A 306 2.37 14.18 -4.09
CA ARG A 306 1.78 14.23 -2.75
C ARG A 306 2.72 14.85 -1.70
N ILE A 307 3.59 15.75 -2.15
CA ILE A 307 4.60 16.36 -1.28
C ILE A 307 3.94 17.34 -0.32
N ARG A 308 4.13 17.10 0.97
CA ARG A 308 3.52 17.89 2.02
C ARG A 308 4.31 17.72 3.32
N LYS A 309 4.34 18.76 4.14
CA LYS A 309 5.02 18.67 5.42
C LYS A 309 4.18 17.86 6.41
N ASP A 310 4.85 17.23 7.37
CA ASP A 310 4.18 16.53 8.47
C ASP A 310 3.31 17.52 9.24
N LEU A 311 2.22 17.02 9.83
CA LEU A 311 1.31 17.88 10.57
C LEU A 311 1.87 18.34 11.93
N ASP A 312 2.96 17.70 12.38
CA ASP A 312 3.51 17.97 13.71
C ASP A 312 5.03 18.13 13.73
N ALA A 313 5.73 17.22 13.07
CA ALA A 313 7.20 17.25 13.04
C ALA A 313 7.70 18.38 12.15
N GLU A 314 8.40 19.34 12.78
CA GLU A 314 8.89 20.53 12.09
C GLU A 314 9.64 20.22 10.79
N LYS A 315 10.50 19.20 10.83
CA LYS A 315 11.34 18.86 9.70
C LYS A 315 10.85 17.63 8.92
N GLY A 316 9.62 17.20 9.22
CA GLY A 316 9.03 16.03 8.58
C GLY A 316 8.34 16.35 7.25
N ILE A 317 8.56 15.50 6.25
CA ILE A 317 7.91 15.62 4.93
C ILE A 317 7.40 14.26 4.46
N HIS A 318 6.19 14.23 3.92
CA HIS A 318 5.63 13.03 3.28
C HIS A 318 5.62 13.20 1.77
N MET A 319 5.78 12.09 1.04
CA MET A 319 5.68 12.09 -0.43
C MET A 319 5.29 10.72 -1.00
N TRP A 320 4.93 10.72 -2.28
CA TRP A 320 4.51 9.52 -3.00
C TRP A 320 5.42 9.34 -4.21
N VAL A 321 6.10 8.20 -4.29
CA VAL A 321 7.12 7.96 -5.31
C VAL A 321 6.75 6.72 -6.13
N VAL A 322 6.74 6.88 -7.46
CA VAL A 322 6.38 5.78 -8.37
C VAL A 322 7.37 5.69 -9.53
N SER A 323 7.84 4.48 -9.80
CA SER A 323 8.65 4.19 -10.99
C SER A 323 8.46 2.77 -11.47
N ASP A 324 8.65 2.57 -12.78
CA ASP A 324 8.64 1.24 -13.38
C ASP A 324 9.80 0.42 -12.81
N ASN A 325 9.46 -0.68 -12.12
CA ASN A 325 10.44 -1.52 -11.43
C ASN A 325 11.35 -2.32 -12.37
N LEU A 326 10.92 -2.50 -13.62
CA LEU A 326 11.74 -3.21 -14.60
C LEU A 326 12.64 -2.27 -15.40
N LEU A 327 12.34 -0.98 -15.36
CA LEU A 327 13.14 0.02 -16.07
C LEU A 327 14.14 0.69 -15.13
N LYS A 328 13.78 1.82 -14.53
CA LYS A 328 14.68 2.50 -13.58
C LYS A 328 15.03 1.57 -12.42
N GLY A 329 14.06 0.76 -12.01
CA GLY A 329 14.29 -0.22 -10.96
C GLY A 329 15.24 -1.35 -11.32
N ALA A 330 15.49 -1.54 -12.61
CA ALA A 330 16.36 -2.64 -13.07
C ALA A 330 17.09 -2.38 -14.39
N ALA A 331 16.42 -2.65 -15.51
CA ALA A 331 17.06 -2.67 -16.83
C ALA A 331 17.60 -1.32 -17.31
N TRP A 332 16.86 -0.25 -17.04
CA TRP A 332 17.30 1.09 -17.42
C TRP A 332 18.46 1.56 -16.56
N ASN A 333 18.40 1.31 -15.26
CA ASN A 333 19.50 1.64 -14.37
C ASN A 333 20.81 0.97 -14.81
N SER A 334 20.72 -0.29 -15.22
CA SER A 334 21.87 -1.06 -15.73
C SER A 334 22.43 -0.50 -17.04
N VAL A 335 21.54 -0.18 -17.98
CA VAL A 335 21.95 0.37 -19.28
C VAL A 335 22.50 1.79 -19.13
N GLN A 336 21.90 2.55 -18.23
CA GLN A 336 22.36 3.90 -17.89
C GLN A 336 23.78 3.85 -17.29
N ILE A 337 24.03 2.86 -16.43
CA ILE A 337 25.36 2.63 -15.89
C ILE A 337 26.35 2.32 -17.00
N ALA A 338 25.97 1.41 -17.91
CA ALA A 338 26.81 1.05 -19.05
C ALA A 338 27.15 2.27 -19.91
N GLU A 339 26.16 3.13 -20.12
CA GLU A 339 26.35 4.38 -20.87
C GLU A 339 27.29 5.34 -20.14
N THR A 340 27.15 5.42 -18.81
CA THR A 340 28.03 6.24 -17.97
C THR A 340 29.47 5.70 -17.98
N LEU A 341 29.60 4.38 -17.97
CA LEU A 341 30.92 3.74 -18.08
C LEU A 341 31.59 4.10 -19.41
N HIS A 342 30.81 4.07 -20.50
CA HIS A 342 31.30 4.48 -21.81
C HIS A 342 31.74 5.94 -21.82
N GLU A 343 30.90 6.82 -21.29
CA GLU A 343 31.19 8.26 -21.15
C GLU A 343 32.52 8.54 -20.47
N ARG A 344 32.80 7.77 -19.41
CA ARG A 344 33.96 8.01 -18.55
C ARG A 344 35.17 7.14 -18.91
N GLY A 345 35.10 6.46 -20.06
CA GLY A 345 36.16 5.58 -20.52
C GLY A 345 36.50 4.46 -19.55
N LEU A 346 35.46 3.90 -18.92
CA LEU A 346 35.63 2.90 -17.88
C LEU A 346 35.31 1.47 -18.34
N VAL A 347 35.06 1.30 -19.63
CA VAL A 347 34.85 -0.03 -20.20
C VAL A 347 36.19 -0.58 -20.68
N ARG A 348 36.88 -1.28 -19.77
CA ARG A 348 38.17 -1.92 -20.04
C ARG A 348 38.41 -3.03 -19.03
N PRO A 349 39.28 -4.00 -19.36
CA PRO A 349 39.62 -5.09 -18.44
C PRO A 349 40.21 -4.60 -17.12
N THR A 350 39.93 -5.35 -16.05
CA THR A 350 40.50 -5.07 -14.73
C THR A 350 41.71 -5.98 -14.50
N ALA A 351 42.85 -5.35 -14.21
CA ALA A 351 44.10 -6.09 -13.99
C ALA A 351 44.05 -6.95 -12.74
N GLU A 352 43.73 -6.33 -11.59
CA GLU A 352 43.66 -7.04 -10.32
C GLU A 352 42.30 -7.71 -10.13
N LEU A 353 42.33 -9.03 -9.96
CA LEU A 353 41.12 -9.83 -9.76
C LEU A 353 40.80 -9.96 -8.29
N LYS A 354 39.71 -9.34 -7.86
CA LYS A 354 39.35 -9.26 -6.44
C LYS A 354 38.16 -10.16 -6.06
N PHE A 355 37.71 -11.00 -6.98
CA PHE A 355 36.54 -11.84 -6.75
C PHE A 355 36.86 -13.32 -6.95
N GLU A 356 36.60 -14.11 -5.90
CA GLU A 356 36.94 -15.52 -5.87
C GLU A 356 36.15 -16.34 -6.89
N LEU A 357 36.86 -17.17 -7.65
CA LEU A 357 36.25 -18.05 -8.63
C LEU A 357 35.61 -19.25 -7.92
N LYS A 358 34.34 -19.50 -8.26
CA LYS A 358 33.58 -20.58 -7.62
C LYS A 358 33.52 -21.83 -8.50
N GLY B 2 -38.88 -6.10 22.73
CA GLY B 2 -37.86 -5.96 21.66
C GLY B 2 -37.86 -4.57 21.03
N TYR B 3 -36.98 -4.36 20.06
CA TYR B 3 -36.84 -3.07 19.41
C TYR B 3 -37.35 -3.08 17.98
N THR B 4 -37.78 -1.90 17.52
CA THR B 4 -37.95 -1.64 16.10
C THR B 4 -36.66 -1.02 15.58
N VAL B 5 -36.03 -1.70 14.63
CA VAL B 5 -34.75 -1.25 14.07
C VAL B 5 -34.94 -0.85 12.61
N ALA B 6 -34.43 0.33 12.27
CA ALA B 6 -34.42 0.82 10.90
C ALA B 6 -33.01 0.85 10.36
N VAL B 7 -32.81 0.32 9.15
CA VAL B 7 -31.54 0.41 8.46
C VAL B 7 -31.70 1.42 7.34
N VAL B 8 -31.02 2.56 7.47
CA VAL B 8 -31.07 3.60 6.45
C VAL B 8 -29.87 3.43 5.51
N GLY B 9 -30.17 3.20 4.23
CA GLY B 9 -29.16 2.82 3.24
C GLY B 9 -28.97 1.31 3.23
N ALA B 10 -30.08 0.58 3.25
CA ALA B 10 -30.07 -0.88 3.36
C ALA B 10 -29.57 -1.60 2.11
N THR B 11 -29.65 -0.92 0.97
CA THR B 11 -29.30 -1.50 -0.34
C THR B 11 -27.82 -1.42 -0.70
N GLY B 12 -27.07 -0.57 0.01
CA GLY B 12 -25.67 -0.33 -0.30
C GLY B 12 -24.70 -1.38 0.22
N ALA B 13 -23.41 -1.16 -0.03
CA ALA B 13 -22.36 -2.08 0.37
C ALA B 13 -22.30 -2.31 1.88
N VAL B 14 -22.40 -1.22 2.64
CA VAL B 14 -22.45 -1.29 4.11
C VAL B 14 -23.80 -1.84 4.57
N GLY B 15 -24.87 -1.37 3.95
CA GLY B 15 -26.23 -1.81 4.26
C GLY B 15 -26.41 -3.31 4.20
N ALA B 16 -25.87 -3.94 3.16
CA ALA B 16 -25.91 -5.41 3.02
C ALA B 16 -25.23 -6.11 4.20
N GLN B 17 -24.13 -5.52 4.68
CA GLN B 17 -23.43 -6.08 5.83
C GLN B 17 -24.12 -5.74 7.15
N MET B 18 -24.83 -4.61 7.18
N MET B 18 -24.82 -4.60 7.18
CA MET B 18 -25.65 -4.24 8.34
CA MET B 18 -25.65 -4.21 8.33
C MET B 18 -26.75 -5.26 8.57
C MET B 18 -26.75 -5.23 8.56
N ILE B 19 -27.37 -5.70 7.47
CA ILE B 19 -28.40 -6.73 7.50
C ILE B 19 -27.83 -8.05 8.02
N LYS B 20 -26.68 -8.46 7.49
CA LYS B 20 -26.02 -9.69 7.92
C LYS B 20 -25.68 -9.64 9.41
N MET B 21 -25.09 -8.53 9.85
CA MET B 21 -24.71 -8.36 11.24
C MET B 21 -25.90 -8.34 12.20
N LEU B 22 -27.01 -7.75 11.75
CA LEU B 22 -28.24 -7.73 12.54
C LEU B 22 -28.90 -9.10 12.63
N GLU B 23 -28.81 -9.86 11.53
CA GLU B 23 -29.30 -11.24 11.48
C GLU B 23 -28.55 -12.14 12.47
N GLU B 24 -27.27 -11.84 12.69
CA GLU B 24 -26.42 -12.63 13.58
C GLU B 24 -26.28 -12.00 14.96
N SER B 25 -27.07 -10.96 15.22
CA SER B 25 -27.01 -10.19 16.45
C SER B 25 -27.85 -10.82 17.56
N THR B 26 -27.52 -10.46 18.81
CA THR B 26 -28.29 -10.88 19.98
C THR B 26 -29.42 -9.90 20.30
N LEU B 27 -29.44 -8.77 19.60
CA LEU B 27 -30.47 -7.74 19.81
C LEU B 27 -31.88 -8.30 19.68
N PRO B 28 -32.74 -8.02 20.68
CA PRO B 28 -34.15 -8.38 20.55
C PRO B 28 -34.81 -7.45 19.55
N ILE B 29 -35.07 -7.96 18.35
CA ILE B 29 -35.69 -7.18 17.29
C ILE B 29 -37.10 -7.68 17.05
N ASP B 30 -38.09 -6.83 17.33
CA ASP B 30 -39.49 -7.14 17.08
C ASP B 30 -39.86 -6.79 15.63
N LYS B 31 -39.30 -5.69 15.13
CA LYS B 31 -39.61 -5.21 13.79
C LYS B 31 -38.37 -4.66 13.08
N ILE B 32 -38.23 -5.01 11.81
CA ILE B 32 -37.14 -4.51 10.96
C ILE B 32 -37.73 -3.67 9.82
N ARG B 33 -37.12 -2.52 9.57
CA ARG B 33 -37.50 -1.66 8.45
C ARG B 33 -36.28 -1.29 7.62
N TYR B 34 -36.42 -1.42 6.30
CA TYR B 34 -35.35 -1.04 5.37
C TYR B 34 -35.67 0.27 4.67
N LEU B 35 -34.78 1.24 4.82
CA LEU B 35 -34.94 2.55 4.23
C LEU B 35 -33.81 2.86 3.27
N ALA B 36 -34.14 3.52 2.16
CA ALA B 36 -33.16 3.93 1.16
C ALA B 36 -33.67 5.17 0.42
N SER B 37 -33.21 5.38 -0.82
CA SER B 37 -33.66 6.50 -1.62
C SER B 37 -34.91 6.15 -2.42
N ALA B 38 -35.43 7.12 -3.17
CA ALA B 38 -36.56 6.90 -4.08
C ALA B 38 -36.26 5.84 -5.14
N ARG B 39 -34.98 5.66 -5.47
CA ARG B 39 -34.54 4.68 -6.48
C ARG B 39 -34.84 3.24 -6.08
N SER B 40 -34.75 2.95 -4.79
CA SER B 40 -34.95 1.59 -4.28
C SER B 40 -36.32 1.37 -3.64
N ALA B 41 -37.05 2.45 -3.39
CA ALA B 41 -38.37 2.36 -2.75
C ALA B 41 -39.29 1.43 -3.54
N GLY B 42 -39.94 0.51 -2.85
CA GLY B 42 -40.83 -0.46 -3.47
C GLY B 42 -40.21 -1.81 -3.72
N LYS B 43 -38.87 -1.87 -3.72
CA LYS B 43 -38.16 -3.14 -3.89
C LYS B 43 -38.18 -3.97 -2.62
N SER B 44 -37.74 -5.23 -2.72
CA SER B 44 -37.79 -6.15 -1.59
C SER B 44 -36.41 -6.72 -1.26
N LEU B 45 -36.08 -6.71 0.02
CA LEU B 45 -34.88 -7.38 0.53
C LEU B 45 -35.23 -8.31 1.69
N LYS B 46 -34.43 -9.37 1.84
CA LYS B 46 -34.64 -10.34 2.90
C LYS B 46 -34.09 -9.89 4.25
N PHE B 47 -34.85 -10.18 5.31
CA PHE B 47 -34.30 -10.28 6.66
C PHE B 47 -34.55 -11.70 7.14
N LYS B 48 -33.49 -12.50 7.17
CA LYS B 48 -33.58 -13.95 7.35
C LYS B 48 -34.51 -14.54 6.29
N ASP B 49 -35.71 -14.97 6.68
CA ASP B 49 -36.68 -15.54 5.73
C ASP B 49 -37.75 -14.55 5.28
N GLN B 50 -37.91 -13.47 6.05
CA GLN B 50 -38.96 -12.48 5.81
C GLN B 50 -38.65 -11.57 4.62
N ASP B 51 -39.71 -11.21 3.88
CA ASP B 51 -39.61 -10.24 2.80
C ASP B 51 -39.89 -8.84 3.35
N ILE B 52 -38.93 -7.93 3.21
CA ILE B 52 -39.08 -6.56 3.70
C ILE B 52 -39.10 -5.59 2.52
N THR B 53 -40.17 -4.81 2.41
CA THR B 53 -40.28 -3.77 1.38
C THR B 53 -39.44 -2.55 1.76
N ILE B 54 -38.60 -2.11 0.82
CA ILE B 54 -37.77 -0.93 1.01
C ILE B 54 -38.61 0.34 0.95
N GLU B 55 -38.41 1.23 1.92
CA GLU B 55 -39.14 2.49 1.99
C GLU B 55 -38.22 3.66 1.67
N GLU B 56 -38.79 4.70 1.06
CA GLU B 56 -38.05 5.94 0.84
C GLU B 56 -37.86 6.69 2.16
N THR B 57 -36.64 7.13 2.42
CA THR B 57 -36.32 7.86 3.65
C THR B 57 -36.91 9.27 3.61
N THR B 58 -37.71 9.59 4.62
CA THR B 58 -38.33 10.91 4.76
C THR B 58 -38.19 11.39 6.20
N GLU B 59 -38.51 12.66 6.43
CA GLU B 59 -38.47 13.25 7.78
C GLU B 59 -39.52 12.66 8.73
N THR B 60 -40.53 11.99 8.15
CA THR B 60 -41.65 11.43 8.93
C THR B 60 -41.61 9.90 9.01
N ALA B 61 -40.52 9.30 8.54
CA ALA B 61 -40.41 7.84 8.43
C ALA B 61 -39.97 7.12 9.71
N PHE B 62 -39.70 7.88 10.77
CA PHE B 62 -39.07 7.29 11.97
C PHE B 62 -39.99 7.10 13.18
N GLU B 63 -41.29 7.26 12.97
CA GLU B 63 -42.28 7.04 14.03
C GLU B 63 -42.25 5.58 14.51
N GLY B 64 -42.13 5.39 15.81
CA GLY B 64 -42.11 4.05 16.41
C GLY B 64 -40.78 3.32 16.33
N VAL B 65 -39.77 3.96 15.74
CA VAL B 65 -38.45 3.34 15.60
C VAL B 65 -37.64 3.55 16.88
N ASP B 66 -37.01 2.47 17.37
CA ASP B 66 -36.17 2.54 18.56
C ASP B 66 -34.71 2.83 18.22
N ILE B 67 -34.18 2.10 17.24
CA ILE B 67 -32.81 2.26 16.78
C ILE B 67 -32.77 2.45 15.26
N ALA B 68 -32.06 3.50 14.82
CA ALA B 68 -31.84 3.72 13.39
C ALA B 68 -30.34 3.66 13.08
N LEU B 69 -29.98 2.77 12.16
CA LEU B 69 -28.60 2.63 11.73
C LEU B 69 -28.42 3.29 10.36
N PHE B 70 -27.68 4.39 10.34
CA PHE B 70 -27.51 5.21 9.15
C PHE B 70 -26.23 4.86 8.41
N SER B 71 -26.36 4.50 7.14
CA SER B 71 -25.22 4.38 6.24
C SER B 71 -25.65 4.69 4.81
N ALA B 72 -25.97 5.95 4.56
CA ALA B 72 -26.56 6.37 3.29
C ALA B 72 -25.98 7.69 2.77
N GLY B 73 -24.76 8.01 3.19
CA GLY B 73 -24.11 9.25 2.77
C GLY B 73 -24.32 10.37 3.77
N SER B 74 -23.34 11.28 3.84
CA SER B 74 -23.36 12.40 4.79
C SER B 74 -24.59 13.28 4.70
N SER B 75 -25.05 13.55 3.46
CA SER B 75 -26.21 14.39 3.23
C SER B 75 -27.50 13.77 3.77
N THR B 76 -27.61 12.44 3.67
CA THR B 76 -28.77 11.71 4.19
C THR B 76 -28.83 11.80 5.73
N SER B 77 -27.68 11.62 6.38
CA SER B 77 -27.60 11.74 7.83
C SER B 77 -27.88 13.17 8.29
N ALA B 78 -27.33 14.15 7.57
CA ALA B 78 -27.55 15.56 7.88
C ALA B 78 -29.02 15.94 7.80
N LYS B 79 -29.71 15.42 6.80
CA LYS B 79 -31.12 15.75 6.55
C LYS B 79 -32.10 15.03 7.48
N TYR B 80 -31.86 13.75 7.73
CA TYR B 80 -32.87 12.91 8.37
C TYR B 80 -32.58 12.49 9.82
N ALA B 81 -31.31 12.38 10.18
CA ALA B 81 -30.94 11.96 11.54
C ALA B 81 -31.51 12.85 12.66
N PRO B 82 -31.50 14.20 12.48
CA PRO B 82 -32.11 15.05 13.51
C PRO B 82 -33.61 14.84 13.67
N TYR B 83 -34.31 14.51 12.57
CA TYR B 83 -35.74 14.19 12.63
C TYR B 83 -36.00 12.87 13.33
N ALA B 84 -35.08 11.92 13.17
CA ALA B 84 -35.13 10.64 13.88
C ALA B 84 -34.98 10.86 15.39
N VAL B 85 -34.01 11.69 15.78
CA VAL B 85 -33.77 12.04 17.18
C VAL B 85 -34.99 12.73 17.80
N LYS B 86 -35.56 13.69 17.07
CA LYS B 86 -36.79 14.36 17.48
C LYS B 86 -37.94 13.36 17.69
N ALA B 87 -38.01 12.35 16.82
CA ALA B 87 -39.03 11.31 16.90
C ALA B 87 -38.84 10.36 18.09
N GLY B 88 -37.64 10.33 18.66
CA GLY B 88 -37.35 9.52 19.84
C GLY B 88 -36.40 8.36 19.59
N VAL B 89 -35.85 8.31 18.38
CA VAL B 89 -34.93 7.25 17.98
C VAL B 89 -33.54 7.51 18.59
N VAL B 90 -32.77 6.42 18.78
CA VAL B 90 -31.32 6.55 18.96
C VAL B 90 -30.61 6.18 17.65
N VAL B 91 -29.82 7.12 17.14
CA VAL B 91 -29.17 6.98 15.84
C VAL B 91 -27.71 6.52 15.98
N VAL B 92 -27.35 5.49 15.22
CA VAL B 92 -25.95 5.12 15.04
C VAL B 92 -25.57 5.44 13.60
N ASP B 93 -24.68 6.41 13.43
CA ASP B 93 -24.35 6.95 12.11
C ASP B 93 -22.95 6.53 11.65
N ASN B 94 -22.88 5.99 10.44
CA ASN B 94 -21.60 5.60 9.85
C ASN B 94 -20.89 6.70 9.08
N THR B 95 -21.61 7.78 8.78
CA THR B 95 -21.06 8.87 7.98
C THR B 95 -20.13 9.79 8.79
N SER B 96 -19.47 10.70 8.10
CA SER B 96 -18.54 11.63 8.72
C SER B 96 -19.23 12.87 9.31
N TYR B 97 -20.52 13.04 9.04
CA TYR B 97 -21.19 14.31 9.30
C TYR B 97 -21.17 14.77 10.76
N PHE B 98 -21.48 13.85 11.68
CA PHE B 98 -21.59 14.20 13.11
C PHE B 98 -20.36 13.83 13.94
N ARG B 99 -19.34 13.27 13.29
CA ARG B 99 -18.18 12.70 14.00
C ARG B 99 -17.45 13.69 14.92
N GLN B 100 -17.34 14.94 14.49
CA GLN B 100 -16.58 15.94 15.25
C GLN B 100 -17.48 16.90 16.05
N ASN B 101 -18.75 16.58 16.15
CA ASN B 101 -19.70 17.34 16.95
C ASN B 101 -19.54 16.99 18.43
N PRO B 102 -19.27 18.01 19.29
CA PRO B 102 -19.05 17.80 20.73
C PRO B 102 -20.23 17.17 21.49
N ASP B 103 -21.42 17.19 20.89
CA ASP B 103 -22.61 16.57 21.49
C ASP B 103 -22.78 15.13 21.02
N VAL B 104 -21.82 14.64 20.25
CA VAL B 104 -21.90 13.31 19.64
C VAL B 104 -20.70 12.46 20.07
N PRO B 105 -20.97 11.32 20.72
CA PRO B 105 -19.91 10.35 21.03
C PRO B 105 -19.41 9.67 19.74
N LEU B 106 -18.10 9.61 19.59
CA LEU B 106 -17.47 8.93 18.46
C LEU B 106 -16.83 7.65 19.00
N VAL B 107 -17.52 6.54 18.79
CA VAL B 107 -17.26 5.34 19.60
C VAL B 107 -16.72 4.12 18.85
N VAL B 108 -15.63 3.56 19.39
CA VAL B 108 -15.22 2.18 19.13
C VAL B 108 -15.41 1.48 20.47
N PRO B 109 -16.37 0.54 20.56
CA PRO B 109 -16.81 -0.02 21.85
C PRO B 109 -15.68 -0.55 22.76
N GLU B 110 -14.64 -1.13 22.18
CA GLU B 110 -13.52 -1.67 22.95
C GLU B 110 -12.61 -0.58 23.52
N VAL B 111 -12.68 0.61 22.93
CA VAL B 111 -11.82 1.72 23.31
C VAL B 111 -12.53 2.72 24.24
N ASN B 112 -13.69 3.22 23.82
CA ASN B 112 -14.35 4.30 24.55
C ASN B 112 -15.87 4.14 24.70
N ALA B 113 -16.30 2.94 25.10
CA ALA B 113 -17.71 2.66 25.36
C ALA B 113 -18.31 3.59 26.42
N HIS B 114 -17.46 4.08 27.33
CA HIS B 114 -17.88 5.01 28.38
C HIS B 114 -18.50 6.30 27.86
N ALA B 115 -18.12 6.70 26.64
CA ALA B 115 -18.64 7.92 26.01
C ALA B 115 -20.12 7.80 25.60
N LEU B 116 -20.61 6.55 25.51
CA LEU B 116 -22.00 6.28 25.13
C LEU B 116 -23.02 6.76 26.15
N ASP B 117 -22.64 6.73 27.43
CA ASP B 117 -23.54 7.06 28.54
C ASP B 117 -24.20 8.44 28.40
N ALA B 118 -23.44 9.44 27.95
CA ALA B 118 -23.94 10.81 27.83
C ALA B 118 -24.39 11.18 26.42
N HIS B 119 -24.83 10.19 25.65
CA HIS B 119 -25.27 10.44 24.28
C HIS B 119 -26.54 11.28 24.21
N ASN B 120 -26.68 12.04 23.13
CA ASN B 120 -27.82 12.93 22.92
C ASN B 120 -28.68 12.49 21.75
N GLY B 121 -28.71 11.19 21.49
CA GLY B 121 -29.53 10.62 20.42
C GLY B 121 -28.78 10.21 19.17
N ILE B 122 -27.54 10.66 19.02
CA ILE B 122 -26.70 10.28 17.89
C ILE B 122 -25.35 9.78 18.37
N ILE B 123 -24.99 8.58 17.94
CA ILE B 123 -23.66 8.04 18.17
C ILE B 123 -23.00 7.86 16.81
N ALA B 124 -21.80 8.42 16.66
CA ALA B 124 -21.08 8.31 15.40
C ALA B 124 -20.07 7.18 15.39
N CYS B 125 -20.07 6.45 14.29
CA CYS B 125 -19.04 5.46 14.00
CA CYS B 125 -19.03 5.47 14.01
C CYS B 125 -17.87 6.19 13.33
N PRO B 126 -16.62 5.85 13.73
CA PRO B 126 -15.51 6.51 13.04
C PRO B 126 -15.32 5.95 11.63
N ASN B 127 -14.44 6.58 10.86
CA ASN B 127 -14.05 6.11 9.54
C ASN B 127 -13.49 4.69 9.62
N CYS B 128 -13.72 3.89 8.58
CA CYS B 128 -13.30 2.49 8.55
C CYS B 128 -11.80 2.29 8.79
N SER B 129 -10.99 3.15 8.18
CA SER B 129 -9.54 3.09 8.35
C SER B 129 -9.10 3.46 9.78
N THR B 130 -9.86 4.37 10.42
CA THR B 130 -9.56 4.78 11.78
C THR B 130 -9.86 3.66 12.80
N ILE B 131 -11.02 3.03 12.67
CA ILE B 131 -11.49 2.03 13.63
C ILE B 131 -10.46 0.93 13.89
N GLN B 132 -9.97 0.30 12.83
CA GLN B 132 -9.05 -0.83 12.97
C GLN B 132 -7.72 -0.44 13.61
N MET B 133 -7.27 0.79 13.33
CA MET B 133 -6.07 1.34 13.94
C MET B 133 -6.26 1.55 15.45
N MET B 134 -7.45 1.99 15.85
CA MET B 134 -7.77 2.22 17.25
C MET B 134 -7.78 0.92 18.06
N VAL B 135 -8.33 -0.14 17.48
CA VAL B 135 -8.35 -1.47 18.10
C VAL B 135 -6.92 -2.00 18.32
N ALA B 136 -6.06 -1.82 17.31
CA ALA B 136 -4.68 -2.29 17.39
C ALA B 136 -3.85 -1.49 18.39
N LEU B 137 -4.07 -0.17 18.44
CA LEU B 137 -3.20 0.72 19.21
C LEU B 137 -3.63 1.02 20.64
N GLU B 138 -4.93 0.88 20.93
CA GLU B 138 -5.42 1.17 22.28
C GLU B 138 -4.75 0.35 23.40
N PRO B 139 -4.58 -0.98 23.20
CA PRO B 139 -3.85 -1.77 24.21
C PRO B 139 -2.41 -1.29 24.44
N VAL B 140 -1.77 -0.79 23.39
CA VAL B 140 -0.41 -0.26 23.47
C VAL B 140 -0.41 1.05 24.26
N ARG B 141 -1.34 1.95 23.92
CA ARG B 141 -1.46 3.24 24.61
C ARG B 141 -1.71 3.08 26.11
N GLN B 142 -2.55 2.12 26.48
CA GLN B 142 -2.91 1.88 27.87
C GLN B 142 -1.70 1.57 28.76
N LYS B 143 -0.71 0.90 28.19
CA LYS B 143 0.46 0.46 28.97
C LYS B 143 1.68 1.37 28.79
N TRP B 144 1.93 1.86 27.58
CA TRP B 144 3.16 2.60 27.29
C TRP B 144 2.96 4.01 26.72
N GLY B 145 1.71 4.39 26.49
CA GLY B 145 1.38 5.70 25.93
C GLY B 145 1.64 5.81 24.44
N LEU B 146 1.14 6.87 23.83
CA LEU B 146 1.38 7.13 22.41
C LEU B 146 1.79 8.58 22.18
N ASP B 147 2.96 8.77 21.58
CA ASP B 147 3.43 10.11 21.24
C ASP B 147 3.01 10.50 19.83
N ARG B 148 3.31 9.63 18.87
CA ARG B 148 2.97 9.90 17.47
C ARG B 148 2.56 8.64 16.70
N ILE B 149 1.84 8.86 15.60
CA ILE B 149 1.46 7.81 14.67
C ILE B 149 1.75 8.29 13.25
N ILE B 150 2.41 7.45 12.47
CA ILE B 150 2.50 7.63 11.02
C ILE B 150 1.91 6.40 10.35
N VAL B 151 0.90 6.61 9.52
CA VAL B 151 0.21 5.48 8.87
C VAL B 151 0.11 5.67 7.35
N SER B 152 0.42 4.60 6.62
CA SER B 152 0.16 4.51 5.20
C SER B 152 -0.83 3.38 5.01
N THR B 153 -1.95 3.67 4.34
CA THR B 153 -3.04 2.70 4.21
C THR B 153 -3.06 2.02 2.85
N TYR B 154 -3.64 0.82 2.83
CA TYR B 154 -3.80 0.01 1.65
C TYR B 154 -5.29 -0.35 1.63
N GLN B 155 -6.10 0.56 1.09
CA GLN B 155 -7.55 0.48 1.29
C GLN B 155 -8.33 -0.17 0.14
N ALA B 156 -9.34 -0.94 0.53
CA ALA B 156 -10.19 -1.69 -0.41
C ALA B 156 -11.23 -0.78 -1.05
N VAL B 157 -11.65 -1.15 -2.26
CA VAL B 157 -12.57 -0.34 -3.06
C VAL B 157 -14.01 -0.32 -2.52
N SER B 158 -14.39 -1.33 -1.75
CA SER B 158 -15.73 -1.35 -1.13
C SER B 158 -15.94 -0.18 -0.18
N GLY B 159 -14.84 0.43 0.26
CA GLY B 159 -14.87 1.65 1.07
C GLY B 159 -15.55 2.81 0.37
N ALA B 160 -15.52 2.79 -0.98
CA ALA B 160 -16.15 3.82 -1.79
C ALA B 160 -17.54 3.41 -2.30
N GLY B 161 -18.06 2.29 -1.81
CA GLY B 161 -19.43 1.88 -2.11
C GLY B 161 -19.59 0.79 -3.16
N MET B 162 -20.84 0.38 -3.38
CA MET B 162 -21.17 -0.71 -4.30
C MET B 162 -20.73 -0.44 -5.74
N GLY B 163 -20.96 0.79 -6.22
CA GLY B 163 -20.55 1.19 -7.56
C GLY B 163 -19.05 1.02 -7.79
N ALA B 164 -18.27 1.34 -6.76
CA ALA B 164 -16.81 1.21 -6.82
C ALA B 164 -16.36 -0.24 -6.94
N ILE B 165 -17.04 -1.15 -6.24
CA ILE B 165 -16.79 -2.58 -6.35
C ILE B 165 -17.03 -3.06 -7.78
N LEU B 166 -18.19 -2.71 -8.33
CA LEU B 166 -18.57 -3.09 -9.69
C LEU B 166 -17.62 -2.51 -10.75
N GLU B 167 -17.23 -1.25 -10.56
CA GLU B 167 -16.27 -0.60 -11.45
C GLU B 167 -14.91 -1.32 -11.44
N THR B 168 -14.45 -1.71 -10.27
CA THR B 168 -13.19 -2.43 -10.11
C THR B 168 -13.24 -3.80 -10.80
N GLN B 169 -14.35 -4.53 -10.59
CA GLN B 169 -14.54 -5.84 -11.22
C GLN B 169 -14.62 -5.74 -12.74
N ARG B 170 -15.33 -4.74 -13.24
CA ARG B 170 -15.44 -4.48 -14.68
C ARG B 170 -14.07 -4.19 -15.32
N GLU B 171 -13.33 -3.26 -14.71
CA GLU B 171 -12.00 -2.86 -15.20
C GLU B 171 -11.03 -4.05 -15.27
N LEU B 172 -10.97 -4.83 -14.19
CA LEU B 172 -10.11 -6.01 -14.12
C LEU B 172 -10.49 -7.05 -15.18
N ARG B 173 -11.79 -7.24 -15.40
CA ARG B 173 -12.27 -8.16 -16.43
C ARG B 173 -11.91 -7.69 -17.83
N GLU B 174 -11.94 -6.38 -18.05
CA GLU B 174 -11.56 -5.78 -19.34
C GLU B 174 -10.07 -5.99 -19.64
N VAL B 175 -9.23 -5.87 -18.62
CA VAL B 175 -7.79 -6.06 -18.79
C VAL B 175 -7.44 -7.53 -18.98
N LEU B 176 -7.96 -8.38 -18.09
CA LEU B 176 -7.59 -9.80 -18.06
C LEU B 176 -8.25 -10.66 -19.13
N ASN B 177 -9.46 -10.29 -19.55
CA ASN B 177 -10.21 -11.08 -20.54
C ASN B 177 -10.20 -10.48 -21.95
N ASP B 178 -10.24 -9.16 -22.05
CA ASP B 178 -10.32 -8.47 -23.34
C ASP B 178 -8.97 -7.92 -23.81
N GLY B 179 -7.99 -7.90 -22.91
CA GLY B 179 -6.64 -7.43 -23.24
C GLY B 179 -6.51 -5.92 -23.32
N VAL B 180 -7.41 -5.21 -22.64
CA VAL B 180 -7.39 -3.75 -22.58
C VAL B 180 -6.22 -3.27 -21.71
N LYS B 181 -5.52 -2.23 -22.17
CA LYS B 181 -4.44 -1.62 -21.40
C LYS B 181 -5.03 -0.81 -20.24
N PRO B 182 -4.45 -0.96 -19.02
CA PRO B 182 -4.96 -0.25 -17.83
C PRO B 182 -5.10 1.26 -18.03
N CYS B 183 -4.19 1.84 -18.82
CA CYS B 183 -4.22 3.26 -19.17
C CYS B 183 -5.42 3.66 -20.03
N ASP B 184 -5.97 2.69 -20.77
CA ASP B 184 -7.06 2.94 -21.70
C ASP B 184 -8.44 2.72 -21.07
N LEU B 185 -8.46 2.30 -19.81
CA LEU B 185 -9.69 2.04 -19.09
C LEU B 185 -10.48 3.32 -18.82
N HIS B 186 -11.80 3.23 -18.94
CA HIS B 186 -12.68 4.33 -18.59
C HIS B 186 -13.16 4.17 -17.15
N ALA B 187 -12.97 5.22 -16.35
CA ALA B 187 -13.38 5.21 -14.95
C ALA B 187 -14.42 6.30 -14.70
N GLU B 188 -15.35 6.02 -13.78
CA GLU B 188 -16.47 6.92 -13.49
C GLU B 188 -16.59 7.29 -12.01
N ILE B 189 -16.02 6.47 -11.13
CA ILE B 189 -16.20 6.65 -9.69
C ILE B 189 -14.91 6.94 -8.92
N LEU B 190 -13.95 6.01 -8.99
CA LEU B 190 -12.69 6.15 -8.26
C LEU B 190 -11.76 7.18 -8.91
N PRO B 191 -10.89 7.83 -8.11
CA PRO B 191 -10.65 7.70 -6.67
C PRO B 191 -11.79 8.20 -5.76
N SER B 192 -12.53 9.22 -6.22
CA SER B 192 -13.58 9.82 -5.40
C SER B 192 -14.78 10.22 -6.27
N GLY B 193 -15.94 9.64 -5.96
CA GLY B 193 -17.17 9.86 -6.72
C GLY B 193 -17.51 11.33 -6.92
N GLY B 194 -17.36 12.12 -5.86
CA GLY B 194 -17.69 13.55 -5.89
C GLY B 194 -16.72 14.44 -6.63
N ASP B 195 -15.46 14.01 -6.71
CA ASP B 195 -14.40 14.84 -7.31
C ASP B 195 -14.53 14.95 -8.84
N LYS B 196 -13.75 15.85 -9.43
CA LYS B 196 -13.87 16.22 -10.84
C LYS B 196 -13.36 15.15 -11.81
N LYS B 197 -12.23 14.53 -11.48
CA LYS B 197 -11.59 13.58 -12.39
C LYS B 197 -11.57 12.17 -11.83
N HIS B 198 -11.67 11.19 -12.72
CA HIS B 198 -11.70 9.78 -12.32
C HIS B 198 -10.58 8.98 -12.98
N TYR B 199 -10.03 8.03 -12.22
CA TYR B 199 -8.90 7.22 -12.69
C TYR B 199 -9.14 5.72 -12.51
N PRO B 200 -8.54 4.89 -13.38
CA PRO B 200 -8.62 3.44 -13.24
C PRO B 200 -7.93 2.96 -11.97
N ILE B 201 -8.52 1.94 -11.33
CA ILE B 201 -7.92 1.32 -10.13
C ILE B 201 -7.23 0.00 -10.47
N ALA B 202 -7.69 -0.65 -11.53
CA ALA B 202 -7.14 -1.94 -11.97
C ALA B 202 -5.62 -1.85 -12.14
N PHE B 203 -4.91 -2.71 -11.42
CA PHE B 203 -3.44 -2.76 -11.46
C PHE B 203 -2.79 -1.41 -11.17
N ASN B 204 -3.42 -0.64 -10.29
CA ASN B 204 -2.99 0.71 -9.95
C ASN B 204 -3.01 0.92 -8.44
N ALA B 205 -2.37 2.00 -8.01
CA ALA B 205 -2.44 2.42 -6.62
C ALA B 205 -2.71 3.92 -6.60
N LEU B 206 -3.87 4.31 -6.12
CA LEU B 206 -4.29 5.72 -6.15
C LEU B 206 -4.14 6.38 -4.79
N PRO B 207 -3.18 7.31 -4.66
CA PRO B 207 -2.95 8.02 -3.40
C PRO B 207 -3.94 9.17 -3.19
N GLN B 208 -5.23 8.87 -3.42
CA GLN B 208 -6.32 9.78 -3.08
C GLN B 208 -7.55 9.01 -2.65
N ILE B 209 -7.98 9.28 -1.42
CA ILE B 209 -9.27 8.82 -0.90
C ILE B 209 -9.98 10.04 -0.34
N ASP B 210 -11.24 10.22 -0.74
CA ASP B 210 -11.99 11.47 -0.49
C ASP B 210 -11.37 12.62 -1.31
N VAL B 211 -11.78 13.85 -1.03
CA VAL B 211 -11.23 15.02 -1.74
C VAL B 211 -10.12 15.69 -0.95
N PHE B 212 -9.36 16.56 -1.60
CA PHE B 212 -8.25 17.26 -0.95
C PHE B 212 -8.73 18.41 -0.09
N THR B 213 -8.05 18.62 1.04
CA THR B 213 -8.31 19.76 1.91
C THR B 213 -7.30 20.86 1.60
N ASP B 214 -7.43 22.01 2.26
CA ASP B 214 -6.56 23.15 1.97
C ASP B 214 -5.10 23.00 2.43
N ASN B 215 -4.81 21.94 3.19
CA ASN B 215 -3.43 21.66 3.62
C ASN B 215 -2.73 20.55 2.81
N ASP B 216 -3.34 20.18 1.69
CA ASP B 216 -2.81 19.18 0.73
C ASP B 216 -2.92 17.71 1.18
N TYR B 217 -3.41 17.50 2.39
CA TYR B 217 -3.86 16.18 2.83
C TYR B 217 -5.31 16.01 2.38
N THR B 218 -5.72 14.78 2.08
CA THR B 218 -7.12 14.50 1.74
C THR B 218 -7.97 14.46 3.00
N TYR B 219 -9.29 14.55 2.84
CA TYR B 219 -10.21 14.44 3.98
C TYR B 219 -10.07 13.12 4.73
N GLU B 220 -9.78 12.05 3.98
CA GLU B 220 -9.55 10.72 4.57
C GLU B 220 -8.36 10.73 5.54
N GLU B 221 -7.27 11.37 5.12
CA GLU B 221 -6.06 11.47 5.93
C GLU B 221 -6.31 12.34 7.17
N MET B 222 -7.05 13.43 7.00
CA MET B 222 -7.35 14.35 8.11
C MET B 222 -8.36 13.76 9.09
N LYS B 223 -9.30 12.97 8.59
CA LYS B 223 -10.24 12.27 9.45
C LYS B 223 -9.54 11.28 10.37
N MET B 224 -8.57 10.54 9.83
CA MET B 224 -7.74 9.64 10.65
C MET B 224 -7.03 10.41 11.78
N THR B 225 -6.53 11.60 11.46
CA THR B 225 -5.87 12.47 12.43
C THR B 225 -6.84 12.94 13.52
N LYS B 226 -7.95 13.57 13.10
CA LYS B 226 -8.90 14.18 14.03
C LYS B 226 -9.74 13.16 14.81
N GLU B 227 -10.08 12.05 14.17
CA GLU B 227 -10.87 11.00 14.84
C GLU B 227 -10.06 10.31 15.92
N THR B 228 -8.79 10.02 15.64
CA THR B 228 -7.88 9.43 16.63
C THR B 228 -7.83 10.27 17.91
N LYS B 229 -7.62 11.57 17.76
CA LYS B 229 -7.53 12.50 18.89
C LYS B 229 -8.80 12.51 19.75
N LYS B 230 -9.96 12.44 19.11
CA LYS B 230 -11.24 12.41 19.82
C LYS B 230 -11.50 11.07 20.50
N ILE B 231 -11.28 9.97 19.77
CA ILE B 231 -11.51 8.62 20.29
C ILE B 231 -10.63 8.33 21.50
N MET B 232 -9.34 8.64 21.37
CA MET B 232 -8.38 8.42 22.45
C MET B 232 -8.36 9.56 23.47
N GLU B 233 -9.19 10.58 23.23
CA GLU B 233 -9.34 11.73 24.13
C GLU B 233 -8.00 12.36 24.51
N ASP B 234 -7.18 12.59 23.47
CA ASP B 234 -5.84 13.15 23.64
C ASP B 234 -5.44 13.90 22.37
N ASP B 235 -5.56 15.22 22.42
CA ASP B 235 -5.20 16.10 21.30
C ASP B 235 -3.69 16.20 21.08
N SER B 236 -2.91 15.69 22.03
CA SER B 236 -1.45 15.78 21.93
C SER B 236 -0.82 14.65 21.10
N ILE B 237 -1.61 13.64 20.76
CA ILE B 237 -1.14 12.56 19.88
C ILE B 237 -0.94 13.09 18.45
N ALA B 238 0.30 13.08 18.00
CA ALA B 238 0.64 13.51 16.64
C ALA B 238 0.28 12.42 15.65
N VAL B 239 -0.54 12.76 14.65
CA VAL B 239 -1.00 11.78 13.66
C VAL B 239 -0.95 12.36 12.25
N SER B 240 -0.21 11.69 11.36
CA SER B 240 -0.17 12.00 9.94
C SER B 240 -0.39 10.73 9.12
N ALA B 241 -1.19 10.84 8.06
CA ALA B 241 -1.57 9.68 7.26
C ALA B 241 -1.39 9.91 5.76
N THR B 242 -1.09 8.83 5.06
CA THR B 242 -1.20 8.75 3.60
C THR B 242 -2.18 7.63 3.29
N CYS B 243 -3.27 7.98 2.59
CA CYS B 243 -4.33 7.02 2.33
C CYS B 243 -4.40 6.65 0.84
N VAL B 244 -4.18 5.37 0.56
CA VAL B 244 -4.03 4.87 -0.81
C VAL B 244 -5.05 3.78 -1.10
N ARG B 245 -5.76 3.92 -2.23
CA ARG B 245 -6.64 2.87 -2.73
C ARG B 245 -5.83 1.86 -3.56
N ILE B 246 -6.03 0.58 -3.29
CA ILE B 246 -5.39 -0.50 -4.06
C ILE B 246 -6.45 -1.46 -4.62
N PRO B 247 -6.08 -2.34 -5.58
CA PRO B 247 -7.06 -3.25 -6.19
C PRO B 247 -7.45 -4.44 -5.30
N VAL B 248 -8.13 -4.12 -4.20
CA VAL B 248 -8.70 -5.11 -3.28
C VAL B 248 -10.18 -4.75 -3.11
N LEU B 249 -11.05 -5.76 -3.10
CA LEU B 249 -12.49 -5.51 -2.96
C LEU B 249 -12.87 -5.26 -1.50
N SER B 250 -12.42 -6.13 -0.59
CA SER B 250 -12.76 -6.04 0.83
C SER B 250 -11.54 -6.19 1.74
N ALA B 251 -11.56 -5.42 2.84
CA ALA B 251 -10.53 -5.42 3.89
C ALA B 251 -9.40 -4.41 3.65
N HIS B 252 -9.31 -3.44 4.56
CA HIS B 252 -8.21 -2.47 4.55
C HIS B 252 -6.99 -3.06 5.23
N SER B 253 -5.81 -2.69 4.73
CA SER B 253 -4.56 -3.01 5.39
C SER B 253 -3.84 -1.71 5.71
N GLU B 254 -3.09 -1.69 6.81
CA GLU B 254 -2.39 -0.48 7.23
C GLU B 254 -0.99 -0.77 7.74
N SER B 255 -0.02 -0.02 7.21
CA SER B 255 1.34 0.00 7.75
C SER B 255 1.39 1.11 8.80
N VAL B 256 1.49 0.71 10.05
CA VAL B 256 1.39 1.65 11.17
C VAL B 256 2.73 1.80 11.87
N TYR B 257 3.18 3.05 11.97
CA TYR B 257 4.34 3.37 12.78
C TYR B 257 3.91 4.19 13.98
N ILE B 258 4.38 3.80 15.15
CA ILE B 258 4.11 4.55 16.37
C ILE B 258 5.39 4.83 17.14
N GLU B 259 5.36 5.91 17.91
CA GLU B 259 6.35 6.11 18.95
C GLU B 259 5.62 6.22 20.28
N THR B 260 6.01 5.36 21.21
CA THR B 260 5.39 5.31 22.53
C THR B 260 6.03 6.34 23.47
N LYS B 261 5.42 6.58 24.61
CA LYS B 261 5.98 7.49 25.61
C LYS B 261 7.08 6.80 26.41
N GLU B 262 6.89 5.52 26.71
CA GLU B 262 7.90 4.69 27.36
C GLU B 262 8.23 3.50 26.48
N VAL B 263 9.46 3.01 26.57
CA VAL B 263 9.90 1.86 25.77
C VAL B 263 8.97 0.66 25.99
N ALA B 264 8.44 0.14 24.89
CA ALA B 264 7.49 -0.96 24.92
C ALA B 264 8.11 -2.21 24.31
N PRO B 265 8.53 -3.16 25.17
CA PRO B 265 9.15 -4.41 24.69
C PRO B 265 8.23 -5.14 23.73
N ILE B 266 8.77 -5.53 22.57
CA ILE B 266 7.95 -6.11 21.49
C ILE B 266 7.15 -7.35 21.93
N GLU B 267 7.76 -8.22 22.72
CA GLU B 267 7.07 -9.42 23.20
C GLU B 267 5.88 -9.09 24.10
N GLU B 268 6.02 -8.01 24.86
CA GLU B 268 4.93 -7.52 25.71
C GLU B 268 3.84 -6.82 24.89
N VAL B 269 4.26 -6.11 23.84
CA VAL B 269 3.33 -5.45 22.92
C VAL B 269 2.44 -6.50 22.23
N LYS B 270 3.06 -7.59 21.76
CA LYS B 270 2.34 -8.70 21.14
C LYS B 270 1.32 -9.29 22.11
N ALA B 271 1.76 -9.55 23.34
CA ALA B 271 0.90 -10.09 24.39
C ALA B 271 -0.28 -9.16 24.71
N ALA B 272 -0.02 -7.86 24.76
CA ALA B 272 -1.04 -6.87 25.09
C ALA B 272 -2.12 -6.77 24.01
N ILE B 273 -1.69 -6.87 22.76
CA ILE B 273 -2.60 -6.84 21.62
C ILE B 273 -3.46 -8.11 21.58
N ALA B 274 -2.83 -9.26 21.76
CA ALA B 274 -3.52 -10.55 21.81
C ALA B 274 -4.60 -10.59 22.88
N ALA B 275 -4.31 -9.96 24.02
CA ALA B 275 -5.23 -9.91 25.16
C ALA B 275 -6.37 -8.91 25.03
N PHE B 276 -6.27 -8.03 24.04
CA PHE B 276 -7.23 -6.94 23.88
C PHE B 276 -8.45 -7.38 23.07
N PRO B 277 -9.66 -7.15 23.61
CA PRO B 277 -10.90 -7.57 22.92
C PRO B 277 -11.02 -6.97 21.53
N GLY B 278 -11.32 -7.81 20.54
CA GLY B 278 -11.49 -7.35 19.17
C GLY B 278 -10.23 -7.40 18.33
N ALA B 279 -9.08 -7.58 19.00
CA ALA B 279 -7.79 -7.69 18.32
C ALA B 279 -7.25 -9.11 18.39
N VAL B 280 -6.79 -9.62 17.24
CA VAL B 280 -6.20 -10.94 17.15
C VAL B 280 -4.76 -10.82 16.68
N LEU B 281 -3.84 -11.40 17.45
CA LEU B 281 -2.44 -11.45 17.07
C LEU B 281 -2.22 -12.53 16.02
N GLU B 282 -1.76 -12.11 14.83
CA GLU B 282 -1.32 -13.01 13.79
C GLU B 282 0.12 -12.65 13.45
N ASP B 283 1.05 -13.19 14.23
CA ASP B 283 2.44 -12.77 14.16
C ASP B 283 3.38 -13.91 14.51
N ASP B 284 3.76 -14.67 13.48
CA ASP B 284 4.74 -15.74 13.60
C ASP B 284 5.51 -15.79 12.29
N VAL B 285 6.57 -14.98 12.21
CA VAL B 285 7.32 -14.82 10.95
C VAL B 285 8.09 -16.07 10.54
N ALA B 286 8.45 -16.89 11.53
CA ALA B 286 9.12 -18.18 11.27
C ALA B 286 8.25 -19.11 10.43
N HIS B 287 6.93 -18.94 10.53
CA HIS B 287 5.98 -19.68 9.72
C HIS B 287 5.21 -18.76 8.76
N GLN B 288 5.79 -17.60 8.46
CA GLN B 288 5.21 -16.62 7.54
C GLN B 288 3.76 -16.25 7.89
N ILE B 289 3.49 -16.06 9.19
CA ILE B 289 2.16 -15.71 9.66
C ILE B 289 2.09 -14.20 9.90
N TYR B 290 1.15 -13.57 9.19
CA TYR B 290 0.88 -12.15 9.30
C TYR B 290 -0.54 -11.90 8.81
N PRO B 291 -1.16 -10.76 9.20
CA PRO B 291 -2.50 -10.47 8.71
C PRO B 291 -2.53 -10.32 7.20
N GLN B 292 -3.59 -10.83 6.59
CA GLN B 292 -3.80 -10.75 5.15
C GLN B 292 -5.24 -10.35 4.88
N ALA B 293 -5.42 -9.38 3.97
CA ALA B 293 -6.76 -8.91 3.59
C ALA B 293 -7.73 -10.06 3.28
N ILE B 294 -7.29 -11.03 2.47
CA ILE B 294 -8.14 -12.14 2.05
C ILE B 294 -8.58 -13.05 3.20
N ASN B 295 -7.77 -13.12 4.26
CA ASN B 295 -8.11 -13.91 5.44
C ASN B 295 -9.02 -13.18 6.42
N ALA B 296 -8.97 -11.85 6.39
CA ALA B 296 -9.75 -11.02 7.31
C ALA B 296 -11.20 -10.85 6.86
N VAL B 297 -11.44 -10.97 5.56
CA VAL B 297 -12.77 -10.81 4.98
C VAL B 297 -13.76 -11.78 5.64
N GLY B 298 -14.87 -11.25 6.14
CA GLY B 298 -15.90 -12.04 6.79
C GLY B 298 -15.76 -12.13 8.31
N SER B 299 -14.65 -11.62 8.83
CA SER B 299 -14.40 -11.66 10.28
C SER B 299 -14.59 -10.29 10.93
N ARG B 300 -15.18 -10.30 12.14
CA ARG B 300 -15.39 -9.09 12.93
C ARG B 300 -14.09 -8.61 13.60
N ASP B 301 -13.12 -9.51 13.69
CA ASP B 301 -11.86 -9.22 14.39
C ASP B 301 -10.92 -8.31 13.59
N THR B 302 -10.01 -7.66 14.30
CA THR B 302 -8.94 -6.87 13.70
C THR B 302 -7.61 -7.62 13.91
N PHE B 303 -6.89 -7.85 12.82
CA PHE B 303 -5.69 -8.67 12.85
C PHE B 303 -4.40 -7.86 12.81
N VAL B 304 -3.48 -8.17 13.74
CA VAL B 304 -2.25 -7.39 13.92
C VAL B 304 -1.02 -8.30 13.82
N GLY B 305 -0.04 -7.87 13.04
CA GLY B 305 1.22 -8.61 12.87
C GLY B 305 2.37 -7.74 12.41
N ARG B 306 3.43 -8.38 11.92
CA ARG B 306 4.69 -7.71 11.56
C ARG B 306 5.18 -6.75 12.64
N ILE B 307 4.88 -7.06 13.90
CA ILE B 307 5.24 -6.17 15.01
C ILE B 307 6.74 -6.26 15.27
N ARG B 308 7.40 -5.11 15.19
CA ARG B 308 8.85 -5.01 15.32
C ARG B 308 9.26 -3.59 15.70
N LYS B 309 10.32 -3.46 16.47
CA LYS B 309 10.83 -2.15 16.86
C LYS B 309 11.53 -1.48 15.67
N ASP B 310 11.50 -0.16 15.66
CA ASP B 310 12.21 0.63 14.65
C ASP B 310 13.71 0.32 14.75
N LEU B 311 14.41 0.38 13.62
CA LEU B 311 15.85 0.09 13.59
C LEU B 311 16.71 1.16 14.28
N ASP B 312 16.14 2.34 14.54
CA ASP B 312 16.89 3.46 15.12
C ASP B 312 16.21 4.16 16.30
N ALA B 313 14.93 4.50 16.15
CA ALA B 313 14.18 5.16 17.23
C ALA B 313 13.86 4.17 18.34
N GLU B 314 14.36 4.42 19.55
CA GLU B 314 14.18 3.47 20.67
C GLU B 314 12.72 3.20 21.05
N LYS B 315 11.87 4.20 20.91
CA LYS B 315 10.45 4.07 21.27
C LYS B 315 9.56 3.81 20.06
N GLY B 316 10.19 3.54 18.91
CA GLY B 316 9.48 3.32 17.65
C GLY B 316 9.10 1.87 17.42
N ILE B 317 7.89 1.66 16.90
CA ILE B 317 7.38 0.32 16.59
C ILE B 317 6.61 0.35 15.26
N HIS B 318 6.87 -0.63 14.41
CA HIS B 318 6.12 -0.80 13.16
C HIS B 318 5.21 -2.02 13.29
N MET B 319 4.07 -1.97 12.62
CA MET B 319 3.13 -3.10 12.60
C MET B 319 2.25 -3.07 11.35
N TRP B 320 1.54 -4.18 11.14
CA TRP B 320 0.65 -4.37 10.00
C TRP B 320 -0.73 -4.70 10.55
N VAL B 321 -1.73 -3.90 10.18
CA VAL B 321 -3.08 -4.03 10.73
C VAL B 321 -4.09 -4.25 9.60
N VAL B 322 -4.86 -5.33 9.70
CA VAL B 322 -5.87 -5.65 8.69
C VAL B 322 -7.25 -5.94 9.30
N SER B 323 -8.29 -5.39 8.70
CA SER B 323 -9.67 -5.68 9.10
C SER B 323 -10.64 -5.50 7.93
N ASP B 324 -11.73 -6.25 7.95
CA ASP B 324 -12.83 -6.09 7.00
C ASP B 324 -13.46 -4.70 7.20
N ASN B 325 -13.35 -3.85 6.18
CA ASN B 325 -13.81 -2.45 6.26
C ASN B 325 -15.33 -2.30 6.28
N LEU B 326 -16.04 -3.33 5.85
CA LEU B 326 -17.50 -3.32 5.91
C LEU B 326 -18.03 -3.92 7.20
N LEU B 327 -17.16 -4.62 7.94
CA LEU B 327 -17.57 -5.21 9.21
C LEU B 327 -17.12 -4.35 10.40
N LYS B 328 -15.94 -4.61 10.96
CA LYS B 328 -15.44 -3.77 12.05
C LYS B 328 -15.30 -2.31 11.61
N GLY B 329 -14.97 -2.10 10.33
CA GLY B 329 -14.85 -0.76 9.77
C GLY B 329 -16.19 -0.04 9.57
N ALA B 330 -17.30 -0.77 9.63
CA ALA B 330 -18.61 -0.18 9.38
C ALA B 330 -19.76 -0.87 10.13
N ALA B 331 -20.32 -1.91 9.49
CA ALA B 331 -21.56 -2.55 9.94
C ALA B 331 -21.46 -3.22 11.31
N TRP B 332 -20.37 -3.95 11.56
CA TRP B 332 -20.19 -4.60 12.86
C TRP B 332 -19.95 -3.60 13.98
N ASN B 333 -19.18 -2.56 13.73
CA ASN B 333 -18.99 -1.51 14.72
C ASN B 333 -20.32 -0.87 15.12
N SER B 334 -21.18 -0.61 14.13
CA SER B 334 -22.53 -0.07 14.37
C SER B 334 -23.41 -1.01 15.18
N VAL B 335 -23.44 -2.29 14.79
CA VAL B 335 -24.24 -3.30 15.49
C VAL B 335 -23.71 -3.50 16.92
N GLN B 336 -22.38 -3.53 17.06
CA GLN B 336 -21.73 -3.65 18.36
C GLN B 336 -22.09 -2.48 19.27
N ILE B 337 -22.17 -1.27 18.70
CA ILE B 337 -22.62 -0.09 19.43
C ILE B 337 -24.06 -0.27 19.89
N ALA B 338 -24.93 -0.73 18.99
CA ALA B 338 -26.34 -0.99 19.30
C ALA B 338 -26.49 -1.99 20.45
N GLU B 339 -25.71 -3.06 20.40
CA GLU B 339 -25.70 -4.08 21.45
C GLU B 339 -25.20 -3.54 22.78
N THR B 340 -24.20 -2.66 22.72
CA THR B 340 -23.67 -2.01 23.92
C THR B 340 -24.69 -1.03 24.50
N LEU B 341 -25.40 -0.32 23.62
CA LEU B 341 -26.49 0.57 24.05
C LEU B 341 -27.58 -0.23 24.78
N HIS B 342 -27.93 -1.39 24.24
CA HIS B 342 -28.89 -2.29 24.88
C HIS B 342 -28.39 -2.77 26.25
N GLU B 343 -27.13 -3.19 26.30
CA GLU B 343 -26.48 -3.62 27.55
C GLU B 343 -26.56 -2.58 28.66
N ARG B 344 -26.39 -1.32 28.30
CA ARG B 344 -26.33 -0.22 29.27
C ARG B 344 -27.66 0.49 29.46
N GLY B 345 -28.72 -0.04 28.85
CA GLY B 345 -30.06 0.54 28.96
C GLY B 345 -30.15 1.94 28.38
N LEU B 346 -29.41 2.17 27.29
CA LEU B 346 -29.29 3.50 26.70
C LEU B 346 -30.12 3.67 25.42
N VAL B 347 -30.95 2.68 25.11
CA VAL B 347 -31.89 2.79 23.99
C VAL B 347 -33.20 3.39 24.49
N ARG B 348 -33.30 4.72 24.40
CA ARG B 348 -34.48 5.47 24.81
C ARG B 348 -34.42 6.89 24.22
N PRO B 349 -35.58 7.56 24.09
CA PRO B 349 -35.61 8.90 23.50
C PRO B 349 -34.78 9.93 24.24
N THR B 350 -34.26 10.90 23.51
CA THR B 350 -33.56 12.05 24.08
C THR B 350 -34.55 13.22 24.16
N ALA B 351 -34.72 13.78 25.36
CA ALA B 351 -35.68 14.85 25.59
C ALA B 351 -35.29 16.16 24.88
N GLU B 352 -34.03 16.57 25.02
CA GLU B 352 -33.56 17.82 24.43
C GLU B 352 -32.92 17.60 23.06
N LEU B 353 -33.42 18.31 22.05
CA LEU B 353 -32.85 18.24 20.71
C LEU B 353 -31.64 19.15 20.59
N LYS B 354 -30.50 18.57 20.20
CA LYS B 354 -29.25 19.33 20.09
C LYS B 354 -28.75 19.45 18.65
N PHE B 355 -29.57 19.01 17.70
CA PHE B 355 -29.19 18.98 16.28
C PHE B 355 -30.20 19.70 15.39
N GLU B 356 -29.69 20.53 14.48
CA GLU B 356 -30.50 21.34 13.57
C GLU B 356 -31.38 20.51 12.64
N LEU B 357 -32.64 20.91 12.53
CA LEU B 357 -33.57 20.34 11.54
C LEU B 357 -33.43 21.12 10.23
N LYS B 358 -33.13 20.40 9.15
CA LYS B 358 -32.78 21.05 7.89
C LYS B 358 -33.93 21.14 6.86
N LEU B 359 -35.07 20.54 7.18
CA LEU B 359 -36.20 20.51 6.24
C LEU B 359 -37.45 21.26 6.75
N GLU B 360 -37.24 22.31 7.54
CA GLU B 360 -38.34 23.09 8.10
C GLU B 360 -38.92 24.08 7.10
#